data_5AWD
#
_entry.id   5AWD
#
_cell.length_a   135.660
_cell.length_b   106.670
_cell.length_c   72.160
_cell.angle_alpha   90.00
_cell.angle_beta   106.24
_cell.angle_gamma   90.00
#
_symmetry.space_group_name_H-M   'C 1 2 1'
#
loop_
_entity.id
_entity.type
_entity.pdbx_description
1 polymer 'Toll-like receptor 8'
2 branched alpha-D-mannopyranose-(1-3)-[alpha-D-mannopyranose-(1-6)]beta-D-mannopyranose-(1-4)-2-acetamido-2-deoxy-beta-D-glucopyranose-(1-4)-2-acetamido-2-deoxy-beta-D-glucopyranose
3 branched 2-acetamido-2-deoxy-beta-D-glucopyranose-(1-4)-2-acetamido-2-deoxy-beta-D-glucopyranose
4 branched beta-D-mannopyranose-(1-4)-2-acetamido-2-deoxy-beta-D-glucopyranose-(1-4)-2-acetamido-2-deoxy-beta-D-glucopyranose
5 non-polymer 1-[[4-(aminomethyl)phenyl]methyl]-2-butyl-imidazo[4,5-c]quinolin-4-amine
6 non-polymer 2-acetamido-2-deoxy-beta-D-glucopyranose
7 water water
#
_entity_poly.entity_id   1
_entity_poly.type   'polypeptide(L)'
_entity_poly.pdbx_seq_one_letter_code
;RSPWEENFSRSYPCDEKKQNDSVIAECSNRRLQEVPQTVGKYVTELDLSDNFITHITNESFQGLQNLTKINLNHNPNVQH
QNGNPGIQSNGLNITDGAFLNLKNLRELLLEDNQLPQIPSGLPESLTELSLIQNNIYNITKEGISRLINLKNLYLAWNCY
FNKVCEKTNIEDGVFETLTNLELLSLSFNSLSHVPPKLPSSLRKLFLSNTQIKYISEEDFKGLINLTLLDLSGNCPRCFN
APFPCVPCDGGASINIDRFAFQNLTQLRYLNLSSTSLRKINAAWFKNMPHLKVLDLEFNYLVGEIASGAFLTMLPRLEIL
DLSFNYIKGSYPQHINISRNFSKLLSLRALHLRGYVFQELREDDFQPLMQLPNLSTINLGINFIKQIDFKLFQNFSNLEI
IYLSENRISPLVKDTRQSYANSSSFQRHIRKRRSTDFEFDPHSNFYHFTRPLIKPQCAAYGKALDLSLNSIFFIGPNQFE
NLPDIACLNLSANSNAQVLSGTEFSAIPHVKYLDLTNNRLDFDNASALTELSDLEVLDLSYNSHYFRIAGVTHHLEFIQN
FTNLKVLNLSHNNIYTLTDKYNLESKSLVELVFSGNRLDILWNDDDNRYISIFKGLKNLTRLDLSLNRLKHIPNEAFLNL
PASLTELHINDNMLKFFNWTLLQQFPRLELLDLRGNKLLFLTDSLSDFTSSLRTLLLSHNRISHLPSGFLSEVSSLKHLD
LSSNLLKTINKSALETKTTTKLSMLELHGNPFECTCDIGDFRRWMDEHLNVKIPRLVDVICASPGDQRGKSIVSLELTTC
VSDVTEFLVPR
;
_entity_poly.pdbx_strand_id   A
#
# COMPACT_ATOMS: atom_id res chain seq x y z
N SER A 9 -32.49 16.38 -0.58
CA SER A 9 -32.59 15.24 0.37
C SER A 9 -31.23 14.54 0.53
N ARG A 10 -30.83 14.32 1.79
CA ARG A 10 -29.59 13.59 2.15
C ARG A 10 -29.59 12.17 1.60
N SER A 11 -28.64 11.85 0.72
CA SER A 11 -28.71 10.60 -0.08
C SER A 11 -28.43 9.36 0.76
N TYR A 12 -29.02 8.26 0.32
CA TYR A 12 -29.13 7.05 1.13
C TYR A 12 -29.61 5.91 0.25
N PRO A 13 -29.00 4.73 0.35
CA PRO A 13 -27.96 4.37 1.33
C PRO A 13 -26.53 4.70 0.90
N CYS A 14 -26.37 5.24 -0.31
CA CYS A 14 -25.07 5.51 -0.86
C CYS A 14 -24.60 6.87 -0.37
N ASP A 15 -23.28 7.06 -0.35
CA ASP A 15 -22.60 8.36 -0.16
C ASP A 15 -22.26 8.90 -1.55
N GLU A 16 -22.54 10.17 -1.84
CA GLU A 16 -22.30 10.75 -3.16
C GLU A 16 -21.26 11.84 -3.16
N LYS A 17 -20.75 12.16 -4.34
CA LYS A 17 -19.77 13.24 -4.52
C LYS A 17 -19.59 13.53 -6.01
N LYS A 18 -18.91 14.62 -6.34
CA LYS A 18 -18.98 15.19 -7.69
C LYS A 18 -17.79 14.97 -8.63
N GLN A 19 -16.59 14.70 -8.11
CA GLN A 19 -15.42 14.36 -8.95
C GLN A 19 -15.27 15.26 -10.21
N SER A 22 -18.19 13.72 -13.66
CA SER A 22 -18.64 12.41 -13.20
C SER A 22 -19.12 12.51 -11.76
N VAL A 23 -20.31 11.95 -11.46
CA VAL A 23 -20.90 11.99 -10.11
C VAL A 23 -20.98 10.61 -9.44
N ILE A 24 -20.20 10.39 -8.39
CA ILE A 24 -19.93 9.04 -7.91
C ILE A 24 -20.81 8.70 -6.71
N ALA A 25 -21.52 7.59 -6.80
CA ALA A 25 -22.26 7.03 -5.68
C ALA A 25 -21.47 5.89 -5.02
N GLU A 26 -20.76 6.21 -3.95
CA GLU A 26 -20.18 5.24 -3.05
C GLU A 26 -21.28 4.43 -2.37
N CYS A 27 -21.50 3.21 -2.86
CA CYS A 27 -22.50 2.34 -2.29
C CYS A 27 -21.95 0.95 -1.91
N SER A 28 -20.64 0.86 -1.74
CA SER A 28 -19.98 -0.43 -1.53
C SER A 28 -20.01 -0.84 -0.07
N ASN A 29 -20.21 -2.12 0.20
CA ASN A 29 -19.85 -2.64 1.51
C ASN A 29 -20.81 -2.18 2.60
N ARG A 30 -22.09 -2.13 2.27
CA ARG A 30 -23.14 -1.66 3.17
C ARG A 30 -24.14 -2.75 3.42
N ARG A 31 -23.79 -3.99 3.16
CA ARG A 31 -24.72 -5.09 3.40
C ARG A 31 -26.01 -4.97 2.60
N LEU A 32 -25.98 -4.34 1.43
CA LEU A 32 -27.20 -4.19 0.60
C LEU A 32 -27.59 -5.51 -0.03
N GLN A 33 -28.88 -5.78 -0.01
CA GLN A 33 -29.41 -7.06 -0.49
C GLN A 33 -29.92 -6.93 -1.90
N GLU A 34 -30.04 -5.71 -2.38
CA GLU A 34 -30.36 -5.52 -3.77
C GLU A 34 -29.96 -4.14 -4.16
N VAL A 35 -30.03 -3.85 -5.45
CA VAL A 35 -29.74 -2.52 -5.94
C VAL A 35 -30.73 -1.57 -5.27
N PRO A 36 -30.23 -0.52 -4.60
CA PRO A 36 -31.18 0.39 -4.02
C PRO A 36 -31.90 1.15 -5.13
N GLN A 37 -33.21 1.32 -4.98
CA GLN A 37 -34.03 2.07 -5.95
C GLN A 37 -33.88 3.59 -5.74
N THR A 38 -33.22 4.00 -4.66
CA THR A 38 -33.11 5.41 -4.26
C THR A 38 -31.76 6.04 -4.61
N VAL A 39 -31.18 5.65 -5.73
CA VAL A 39 -29.92 6.25 -6.19
C VAL A 39 -30.26 7.51 -6.99
N GLY A 40 -29.44 8.56 -6.83
CA GLY A 40 -29.70 9.86 -7.44
C GLY A 40 -29.58 9.82 -8.95
N LYS A 41 -30.42 10.56 -9.65
CA LYS A 41 -30.64 10.33 -11.09
C LYS A 41 -29.57 11.05 -11.91
N TYR A 42 -28.75 11.83 -11.21
CA TYR A 42 -27.56 12.49 -11.78
C TYR A 42 -26.23 11.69 -11.64
N VAL A 43 -26.28 10.57 -10.91
CA VAL A 43 -25.12 9.69 -10.68
C VAL A 43 -24.65 9.11 -12.00
N THR A 44 -23.36 9.25 -12.28
CA THR A 44 -22.73 8.68 -13.47
C THR A 44 -21.98 7.39 -13.12
N GLU A 45 -21.47 7.30 -11.89
CA GLU A 45 -20.69 6.14 -11.44
C GLU A 45 -21.24 5.54 -10.15
N LEU A 46 -21.51 4.25 -10.19
CA LEU A 46 -22.21 3.54 -9.12
C LEU A 46 -21.36 2.35 -8.68
N ASP A 47 -20.83 2.42 -7.47
CA ASP A 47 -20.02 1.35 -6.89
C ASP A 47 -20.91 0.58 -5.92
N LEU A 48 -21.30 -0.63 -6.32
CA LEU A 48 -22.09 -1.52 -5.50
C LEU A 48 -21.30 -2.77 -5.03
N SER A 49 -19.97 -2.67 -5.06
CA SER A 49 -19.11 -3.82 -4.74
C SER A 49 -19.20 -4.23 -3.28
N ASP A 50 -18.91 -5.49 -3.02
CA ASP A 50 -18.89 -6.03 -1.67
C ASP A 50 -20.19 -5.87 -0.93
N ASN A 51 -21.29 -6.20 -1.58
CA ASN A 51 -22.57 -6.20 -0.86
C ASN A 51 -23.12 -7.62 -0.87
N PHE A 52 -24.40 -7.79 -0.55
CA PHE A 52 -25.02 -9.10 -0.63
C PHE A 52 -26.09 -9.16 -1.72
N ILE A 53 -25.79 -8.57 -2.87
CA ILE A 53 -26.74 -8.54 -3.99
C ILE A 53 -26.69 -9.87 -4.74
N THR A 54 -27.86 -10.44 -5.03
CA THR A 54 -27.95 -11.77 -5.62
C THR A 54 -28.62 -11.85 -7.00
N HIS A 55 -29.46 -10.86 -7.29
CA HIS A 55 -30.19 -10.77 -8.57
C HIS A 55 -29.93 -9.42 -9.23
N ILE A 56 -29.62 -9.46 -10.52
CA ILE A 56 -29.65 -8.29 -11.36
C ILE A 56 -30.67 -8.57 -12.47
N THR A 57 -31.64 -7.68 -12.58
CA THR A 57 -32.71 -7.73 -13.61
C THR A 57 -32.74 -6.44 -14.45
N ASN A 58 -33.64 -6.39 -15.42
CA ASN A 58 -33.80 -5.20 -16.26
C ASN A 58 -34.41 -4.03 -15.50
N GLU A 59 -35.07 -4.29 -14.38
CA GLU A 59 -35.53 -3.18 -13.55
C GLU A 59 -34.45 -2.68 -12.58
N SER A 60 -33.31 -3.38 -12.49
CA SER A 60 -32.33 -3.09 -11.43
C SER A 60 -31.82 -1.67 -11.54
N PHE A 61 -31.60 -1.20 -12.76
CA PHE A 61 -31.11 0.18 -12.96
C PHE A 61 -32.08 1.10 -13.73
N GLN A 62 -33.31 0.62 -13.92
CA GLN A 62 -34.35 1.33 -14.69
C GLN A 62 -34.28 2.86 -14.64
N GLY A 63 -34.11 3.41 -13.43
CA GLY A 63 -34.14 4.86 -13.27
C GLY A 63 -32.83 5.62 -13.49
N LEU A 64 -31.86 5.00 -14.15
CA LEU A 64 -30.49 5.51 -14.09
C LEU A 64 -29.71 5.45 -15.41
N GLN A 65 -30.16 6.16 -16.44
CA GLN A 65 -29.56 6.08 -17.77
C GLN A 65 -28.33 6.95 -17.95
N ASN A 66 -28.05 7.84 -16.98
CA ASN A 66 -26.78 8.55 -16.99
C ASN A 66 -25.59 7.67 -16.52
N LEU A 67 -25.85 6.43 -16.11
CA LEU A 67 -24.77 5.52 -15.67
C LEU A 67 -23.76 5.16 -16.77
N THR A 68 -22.50 5.53 -16.53
CA THR A 68 -21.38 5.19 -17.43
C THR A 68 -20.45 4.11 -16.86
N LYS A 69 -20.49 3.90 -15.55
CA LYS A 69 -19.59 3.00 -14.84
C LYS A 69 -20.44 2.31 -13.77
N ILE A 70 -20.51 0.98 -13.80
CA ILE A 70 -21.07 0.23 -12.69
C ILE A 70 -20.06 -0.80 -12.15
N ASN A 71 -19.92 -0.88 -10.82
CA ASN A 71 -19.01 -1.83 -10.13
C ASN A 71 -19.86 -2.74 -9.25
N LEU A 72 -19.96 -3.99 -9.69
CA LEU A 72 -20.64 -5.03 -8.90
C LEU A 72 -19.67 -6.10 -8.37
N ASN A 73 -18.37 -5.80 -8.38
CA ASN A 73 -17.38 -6.76 -7.85
C ASN A 73 -17.85 -7.34 -6.51
N HIS A 74 -17.66 -8.64 -6.32
CA HIS A 74 -17.87 -9.30 -5.02
C HIS A 74 -19.29 -9.10 -4.44
N ASN A 75 -20.30 -9.47 -5.23
CA ASN A 75 -21.65 -9.69 -4.75
C ASN A 75 -22.04 -11.12 -5.11
N PRO A 76 -22.67 -11.84 -4.18
CA PRO A 76 -22.72 -11.51 -2.77
C PRO A 76 -21.46 -11.98 -2.04
N ASN A 77 -21.37 -11.63 -0.75
CA ASN A 77 -20.44 -12.26 0.21
C ASN A 77 -21.28 -13.23 1.07
N ASN A 90 -25.05 -19.88 -4.81
CA ASN A 90 -24.67 -18.71 -4.01
C ASN A 90 -23.80 -17.74 -4.81
N GLY A 91 -24.18 -17.47 -6.05
CA GLY A 91 -23.50 -16.53 -6.95
C GLY A 91 -24.42 -15.41 -7.44
N LEU A 92 -23.97 -14.59 -8.37
CA LEU A 92 -24.74 -13.42 -8.73
C LEU A 92 -25.63 -13.76 -9.90
N ASN A 93 -26.93 -13.48 -9.79
CA ASN A 93 -27.89 -13.88 -10.84
C ASN A 93 -28.30 -12.71 -11.73
N ILE A 94 -27.88 -12.76 -12.97
CA ILE A 94 -28.01 -11.67 -13.93
C ILE A 94 -28.82 -12.12 -15.13
N THR A 95 -30.01 -11.55 -15.30
CA THR A 95 -30.88 -11.95 -16.41
C THR A 95 -30.28 -11.49 -17.74
N ASP A 96 -30.58 -12.21 -18.82
CA ASP A 96 -30.44 -11.71 -20.22
C ASP A 96 -30.79 -10.24 -20.36
N GLY A 97 -29.85 -9.45 -20.86
CA GLY A 97 -30.07 -8.05 -21.14
C GLY A 97 -30.53 -7.20 -19.98
N ALA A 98 -30.19 -7.59 -18.75
CA ALA A 98 -30.45 -6.71 -17.60
C ALA A 98 -29.83 -5.31 -17.69
N PHE A 99 -28.74 -5.16 -18.45
CA PHE A 99 -28.03 -3.88 -18.52
C PHE A 99 -28.32 -3.13 -19.82
N LEU A 100 -29.00 -3.80 -20.74
CA LEU A 100 -29.19 -3.34 -22.13
C LEU A 100 -29.74 -1.91 -22.27
N ASN A 101 -30.56 -1.46 -21.32
CA ASN A 101 -31.12 -0.11 -21.37
C ASN A 101 -30.23 1.04 -20.89
N LEU A 102 -29.00 0.72 -20.49
CA LEU A 102 -28.10 1.76 -19.99
C LEU A 102 -27.21 2.19 -21.14
N LYS A 103 -27.75 3.05 -22.00
CA LYS A 103 -27.16 3.30 -23.31
C LYS A 103 -25.84 4.01 -23.18
N ASN A 104 -25.55 4.55 -21.99
CA ASN A 104 -24.27 5.24 -21.75
C ASN A 104 -23.23 4.43 -20.95
N LEU A 105 -23.61 3.23 -20.55
CA LEU A 105 -22.74 2.34 -19.78
C LEU A 105 -21.46 2.03 -20.54
N ARG A 106 -20.32 2.41 -19.98
CA ARG A 106 -19.04 2.16 -20.64
C ARG A 106 -18.21 1.14 -19.90
N GLU A 107 -18.34 1.12 -18.58
CA GLU A 107 -17.45 0.31 -17.75
C GLU A 107 -18.30 -0.55 -16.83
N LEU A 108 -18.18 -1.86 -16.97
CA LEU A 108 -18.96 -2.79 -16.14
C LEU A 108 -18.03 -3.78 -15.45
N LEU A 109 -17.97 -3.69 -14.12
CA LEU A 109 -17.06 -4.54 -13.38
C LEU A 109 -17.85 -5.64 -12.65
N LEU A 110 -17.62 -6.90 -13.03
CA LEU A 110 -18.31 -8.06 -12.48
C LEU A 110 -17.30 -9.10 -12.04
N GLU A 111 -16.39 -8.69 -11.17
CA GLU A 111 -15.38 -9.61 -10.67
C GLU A 111 -15.91 -10.37 -9.47
N ASP A 112 -15.48 -11.63 -9.38
CA ASP A 112 -15.60 -12.36 -8.15
C ASP A 112 -17.06 -12.60 -7.84
N ASN A 113 -17.82 -12.98 -8.87
CA ASN A 113 -19.26 -13.12 -8.73
C ASN A 113 -19.77 -14.57 -8.93
N GLN A 114 -18.87 -15.52 -9.13
CA GLN A 114 -19.25 -16.91 -9.44
C GLN A 114 -20.21 -17.02 -10.62
N LEU A 115 -20.02 -16.18 -11.62
CA LEU A 115 -20.79 -16.27 -12.84
C LEU A 115 -20.38 -17.53 -13.60
N PRO A 116 -21.37 -18.36 -13.98
CA PRO A 116 -21.13 -19.54 -14.80
C PRO A 116 -20.92 -19.26 -16.29
N GLN A 117 -21.30 -18.05 -16.73
CA GLN A 117 -21.26 -17.68 -18.14
C GLN A 117 -21.01 -16.19 -18.32
N ILE A 118 -20.56 -15.79 -19.50
CA ILE A 118 -20.67 -14.39 -19.85
C ILE A 118 -22.14 -14.02 -19.86
N PRO A 119 -22.51 -12.94 -19.17
CA PRO A 119 -23.92 -12.60 -19.18
C PRO A 119 -24.43 -12.25 -20.58
N SER A 120 -25.64 -12.68 -20.92
CA SER A 120 -26.25 -12.43 -22.22
C SER A 120 -26.85 -11.03 -22.31
N GLY A 121 -26.71 -10.43 -23.50
CA GLY A 121 -27.39 -9.20 -23.82
C GLY A 121 -26.74 -8.00 -23.15
N LEU A 122 -25.41 -7.98 -23.14
CA LEU A 122 -24.71 -6.84 -22.62
C LEU A 122 -24.79 -5.65 -23.61
N PRO A 123 -24.92 -4.43 -23.08
CA PRO A 123 -24.96 -3.23 -23.92
C PRO A 123 -23.74 -3.05 -24.83
N GLU A 124 -24.02 -2.73 -26.08
CA GLU A 124 -22.99 -2.50 -27.09
C GLU A 124 -22.14 -1.25 -26.80
N SER A 125 -22.60 -0.38 -25.88
CA SER A 125 -21.80 0.78 -25.49
C SER A 125 -20.56 0.45 -24.60
N LEU A 126 -20.39 -0.82 -24.20
CA LEU A 126 -19.30 -1.20 -23.28
C LEU A 126 -17.93 -0.98 -23.89
N THR A 127 -17.09 -0.21 -23.22
CA THR A 127 -15.67 -0.14 -23.54
C THR A 127 -14.77 -0.95 -22.56
N GLU A 128 -15.23 -1.17 -21.32
CA GLU A 128 -14.45 -1.91 -20.32
C GLU A 128 -15.35 -2.92 -19.66
N LEU A 129 -14.93 -4.18 -19.70
CA LEU A 129 -15.66 -5.27 -19.04
C LEU A 129 -14.67 -6.16 -18.29
N SER A 130 -14.80 -6.24 -16.98
CA SER A 130 -13.99 -7.18 -16.24
C SER A 130 -14.83 -8.31 -15.68
N LEU A 131 -14.46 -9.53 -16.05
CA LEU A 131 -15.09 -10.72 -15.51
C LEU A 131 -14.07 -11.60 -14.79
N ILE A 132 -13.00 -11.00 -14.31
CA ILE A 132 -11.96 -11.67 -13.47
C ILE A 132 -12.59 -12.42 -12.30
N GLN A 133 -12.01 -13.56 -11.96
CA GLN A 133 -12.45 -14.39 -10.82
C GLN A 133 -13.88 -14.82 -10.87
N ASN A 134 -14.26 -15.48 -11.96
CA ASN A 134 -15.55 -16.10 -12.06
C ASN A 134 -15.42 -17.59 -12.41
N ASN A 135 -16.52 -18.20 -12.83
CA ASN A 135 -16.55 -19.62 -13.24
C ASN A 135 -16.87 -19.79 -14.72
N ILE A 136 -16.26 -18.94 -15.54
CA ILE A 136 -16.55 -18.87 -16.98
C ILE A 136 -15.48 -19.65 -17.76
N TYR A 137 -15.89 -20.79 -18.33
CA TYR A 137 -15.01 -21.68 -19.05
C TYR A 137 -15.32 -21.68 -20.56
N ASN A 138 -16.22 -20.79 -20.98
CA ASN A 138 -16.69 -20.73 -22.35
C ASN A 138 -16.75 -19.28 -22.82
N ILE A 139 -15.86 -18.89 -23.72
CA ILE A 139 -15.89 -17.55 -24.29
C ILE A 139 -16.57 -17.65 -25.66
N THR A 140 -17.77 -17.07 -25.80
CA THR A 140 -18.60 -17.30 -26.99
C THR A 140 -18.84 -16.05 -27.82
N LYS A 141 -19.04 -16.27 -29.12
CA LYS A 141 -19.51 -15.22 -30.00
C LYS A 141 -20.77 -14.58 -29.47
N GLU A 142 -21.71 -15.36 -28.96
CA GLU A 142 -22.94 -14.78 -28.45
C GLU A 142 -22.68 -13.83 -27.28
N GLY A 143 -21.69 -14.15 -26.46
CA GLY A 143 -21.44 -13.34 -25.29
C GLY A 143 -20.81 -12.01 -25.59
N ILE A 144 -19.97 -11.98 -26.61
CA ILE A 144 -18.94 -10.98 -26.73
C ILE A 144 -18.92 -10.30 -28.11
N SER A 145 -18.99 -11.07 -29.20
CA SER A 145 -18.66 -10.56 -30.53
C SER A 145 -19.40 -9.26 -30.93
N ARG A 146 -20.54 -8.97 -30.32
CA ARG A 146 -21.28 -7.73 -30.57
C ARG A 146 -20.76 -6.53 -29.78
N LEU A 147 -19.96 -6.78 -28.76
CA LEU A 147 -19.41 -5.70 -27.95
C LEU A 147 -18.25 -5.05 -28.70
N ILE A 148 -18.60 -4.46 -29.84
CA ILE A 148 -17.61 -4.01 -30.82
C ILE A 148 -16.90 -2.76 -30.37
N ASN A 149 -17.44 -2.08 -29.37
CA ASN A 149 -16.69 -0.98 -28.77
C ASN A 149 -15.70 -1.40 -27.65
N LEU A 150 -15.55 -2.69 -27.36
CA LEU A 150 -14.67 -3.05 -26.21
C LEU A 150 -13.27 -2.53 -26.46
N LYS A 151 -12.70 -1.88 -25.44
CA LYS A 151 -11.27 -1.58 -25.42
C LYS A 151 -10.48 -2.48 -24.47
N ASN A 152 -10.98 -2.67 -23.25
CA ASN A 152 -10.32 -3.51 -22.30
C ASN A 152 -11.21 -4.66 -21.86
N LEU A 153 -10.78 -5.87 -22.16
CA LEU A 153 -11.49 -7.08 -21.74
C LEU A 153 -10.66 -7.96 -20.80
N TYR A 154 -11.14 -8.15 -19.58
CA TYR A 154 -10.45 -8.95 -18.56
C TYR A 154 -11.24 -10.23 -18.24
N LEU A 155 -10.64 -11.39 -18.47
CA LEU A 155 -11.28 -12.69 -18.23
C LEU A 155 -10.39 -13.60 -17.38
N ALA A 156 -9.41 -12.99 -16.74
CA ALA A 156 -8.36 -13.74 -16.08
C ALA A 156 -8.86 -14.44 -14.81
N TRP A 157 -8.10 -15.45 -14.38
CA TRP A 157 -8.34 -16.09 -13.11
C TRP A 157 -9.71 -16.73 -13.03
N ASN A 158 -10.16 -17.39 -14.10
CA ASN A 158 -11.37 -18.23 -14.04
C ASN A 158 -11.14 -19.72 -13.78
N CYS A 159 -9.99 -20.24 -14.18
CA CYS A 159 -9.66 -21.66 -13.98
C CYS A 159 -8.16 -21.77 -13.75
N TYR A 160 -7.76 -22.27 -12.59
CA TYR A 160 -6.37 -22.15 -12.21
C TYR A 160 -6.06 -23.01 -10.97
N PHE A 161 -4.76 -23.23 -10.72
CA PHE A 161 -4.37 -23.96 -9.53
C PHE A 161 -5.19 -25.26 -9.36
N ASN A 162 -5.75 -25.52 -8.18
CA ASN A 162 -6.46 -26.75 -7.97
C ASN A 162 -7.94 -26.51 -7.95
N LYS A 163 -8.39 -25.37 -8.49
CA LYS A 163 -9.82 -25.11 -8.57
C LYS A 163 -10.48 -26.21 -9.42
N VAL A 164 -11.68 -26.62 -9.05
CA VAL A 164 -12.44 -27.56 -9.87
C VAL A 164 -13.05 -26.78 -11.03
N CYS A 165 -12.52 -26.98 -12.22
CA CYS A 165 -12.95 -26.22 -13.37
C CYS A 165 -12.61 -26.90 -14.66
N GLU A 166 -13.21 -26.34 -15.72
CA GLU A 166 -13.03 -26.82 -17.07
C GLU A 166 -11.98 -26.02 -17.78
N LYS A 167 -11.25 -26.71 -18.65
CA LYS A 167 -10.50 -26.10 -19.71
C LYS A 167 -11.36 -25.02 -20.38
N THR A 168 -10.73 -23.99 -20.90
CA THR A 168 -11.47 -22.86 -21.42
C THR A 168 -11.74 -23.08 -22.90
N ASN A 169 -12.99 -23.08 -23.31
CA ASN A 169 -13.28 -23.14 -24.73
C ASN A 169 -13.42 -21.72 -25.30
N ILE A 170 -12.50 -21.33 -26.17
CA ILE A 170 -12.59 -20.07 -26.89
C ILE A 170 -13.11 -20.26 -28.31
N GLU A 171 -14.41 -20.06 -28.52
CA GLU A 171 -14.99 -20.03 -29.87
C GLU A 171 -14.09 -19.39 -30.96
N ASP A 172 -13.92 -20.09 -32.07
CA ASP A 172 -13.05 -19.65 -33.15
C ASP A 172 -13.48 -18.27 -33.60
N GLY A 173 -12.57 -17.31 -33.53
CA GLY A 173 -12.85 -15.96 -33.96
C GLY A 173 -13.77 -15.11 -33.10
N VAL A 174 -13.93 -15.44 -31.81
CA VAL A 174 -14.81 -14.64 -30.94
C VAL A 174 -14.32 -13.21 -30.74
N PHE A 175 -13.01 -12.99 -30.87
CA PHE A 175 -12.44 -11.67 -30.61
C PHE A 175 -12.24 -10.87 -31.90
N GLU A 176 -12.39 -11.49 -33.08
CA GLU A 176 -11.98 -10.82 -34.31
C GLU A 176 -12.87 -9.64 -34.63
N THR A 177 -14.13 -9.70 -34.23
CA THR A 177 -15.05 -8.59 -34.41
C THR A 177 -14.78 -7.34 -33.55
N LEU A 178 -13.90 -7.45 -32.54
CA LEU A 178 -13.68 -6.37 -31.56
C LEU A 178 -12.47 -5.54 -31.97
N THR A 179 -12.67 -4.75 -33.02
CA THR A 179 -11.57 -4.15 -33.76
C THR A 179 -11.01 -2.89 -33.10
N ASN A 180 -11.59 -2.48 -31.98
CA ASN A 180 -10.95 -1.50 -31.10
C ASN A 180 -10.39 -2.05 -29.78
N LEU A 181 -10.24 -3.37 -29.68
CA LEU A 181 -9.77 -4.01 -28.45
C LEU A 181 -8.31 -3.71 -28.29
N GLU A 182 -7.92 -3.10 -27.17
CA GLU A 182 -6.51 -2.77 -26.91
C GLU A 182 -5.85 -3.61 -25.83
N LEU A 183 -6.64 -4.17 -24.93
CA LEU A 183 -6.12 -4.94 -23.78
C LEU A 183 -6.94 -6.19 -23.68
N LEU A 184 -6.27 -7.33 -23.83
CA LEU A 184 -6.96 -8.58 -23.57
C LEU A 184 -6.18 -9.38 -22.53
N SER A 185 -6.87 -9.78 -21.45
CA SER A 185 -6.28 -10.56 -20.40
C SER A 185 -7.01 -11.87 -20.21
N LEU A 186 -6.30 -12.96 -20.46
CA LEU A 186 -6.85 -14.29 -20.26
C LEU A 186 -5.95 -15.13 -19.33
N SER A 187 -5.03 -14.48 -18.62
CA SER A 187 -4.22 -15.11 -17.60
C SER A 187 -4.95 -15.98 -16.59
N PHE A 188 -4.28 -17.03 -16.15
CA PHE A 188 -4.87 -17.94 -15.14
C PHE A 188 -6.20 -18.53 -15.61
N ASN A 189 -6.13 -19.08 -16.80
CA ASN A 189 -7.11 -20.00 -17.35
C ASN A 189 -6.35 -21.10 -18.09
N SER A 190 -6.94 -22.28 -18.25
CA SER A 190 -6.34 -23.31 -19.07
C SER A 190 -6.71 -23.14 -20.55
N LEU A 191 -5.75 -22.68 -21.33
CA LEU A 191 -5.94 -22.42 -22.76
C LEU A 191 -5.17 -23.41 -23.66
N SER A 192 -3.95 -23.76 -23.28
CA SER A 192 -3.14 -24.71 -24.06
C SER A 192 -2.60 -24.09 -25.35
N HIS A 193 -3.39 -23.23 -25.98
CA HIS A 193 -3.00 -22.55 -27.22
C HIS A 193 -3.34 -21.07 -27.19
N VAL A 194 -2.47 -20.26 -27.79
CA VAL A 194 -2.80 -18.87 -28.06
C VAL A 194 -4.00 -18.87 -28.98
N PRO A 195 -5.03 -18.06 -28.67
CA PRO A 195 -6.18 -18.03 -29.54
C PRO A 195 -5.85 -17.47 -30.92
N PRO A 196 -6.39 -18.10 -31.98
CA PRO A 196 -6.31 -17.48 -33.31
C PRO A 196 -7.27 -16.31 -33.43
N LYS A 197 -7.05 -15.49 -34.45
CA LYS A 197 -7.96 -14.42 -34.85
C LYS A 197 -8.16 -13.42 -33.73
N LEU A 198 -7.03 -12.90 -33.29
CA LEU A 198 -7.01 -11.78 -32.40
C LEU A 198 -6.96 -10.54 -33.26
N PRO A 199 -7.57 -9.44 -32.80
CA PRO A 199 -7.53 -8.20 -33.56
C PRO A 199 -6.16 -7.57 -33.52
N SER A 200 -5.82 -6.86 -34.58
CA SER A 200 -4.53 -6.19 -34.72
C SER A 200 -4.53 -4.85 -34.00
N SER A 201 -5.67 -4.48 -33.41
CA SER A 201 -5.70 -3.33 -32.52
C SER A 201 -5.01 -3.58 -31.19
N LEU A 202 -4.62 -4.81 -30.88
CA LEU A 202 -4.14 -5.12 -29.51
C LEU A 202 -2.88 -4.37 -29.13
N ARG A 203 -2.87 -3.78 -27.94
CA ARG A 203 -1.65 -3.14 -27.39
C ARG A 203 -1.01 -3.99 -26.29
N LYS A 204 -1.85 -4.76 -25.61
CA LYS A 204 -1.47 -5.47 -24.40
C LYS A 204 -2.17 -6.80 -24.37
N LEU A 205 -1.39 -7.87 -24.35
CA LEU A 205 -1.97 -9.22 -24.38
C LEU A 205 -1.40 -9.93 -23.18
N PHE A 206 -2.27 -10.33 -22.27
CA PHE A 206 -1.90 -11.04 -21.05
C PHE A 206 -2.28 -12.56 -21.18
N LEU A 207 -1.26 -13.41 -21.31
CA LEU A 207 -1.45 -14.86 -21.38
C LEU A 207 -0.53 -15.54 -20.35
N SER A 208 -0.61 -15.10 -19.09
CA SER A 208 0.17 -15.72 -18.01
C SER A 208 -0.56 -16.93 -17.46
N ASN A 209 0.20 -17.97 -17.11
CA ASN A 209 -0.39 -19.18 -16.50
C ASN A 209 -1.59 -19.66 -17.28
N THR A 210 -1.38 -19.83 -18.59
CA THR A 210 -2.44 -20.36 -19.46
C THR A 210 -2.15 -21.73 -20.02
N GLN A 211 -1.09 -22.37 -19.53
CA GLN A 211 -0.69 -23.72 -19.99
C GLN A 211 -0.45 -23.82 -21.47
N ILE A 212 0.18 -22.81 -22.03
CA ILE A 212 0.60 -22.82 -23.41
C ILE A 212 2.07 -23.20 -23.41
N LYS A 213 2.40 -24.25 -24.17
CA LYS A 213 3.72 -24.87 -24.16
C LYS A 213 4.57 -24.40 -25.34
N TYR A 214 3.90 -23.95 -26.39
CA TYR A 214 4.55 -23.69 -27.68
C TYR A 214 3.98 -22.40 -28.30
N ILE A 215 4.89 -21.50 -28.67
CA ILE A 215 4.52 -20.29 -29.40
C ILE A 215 5.04 -20.39 -30.83
N SER A 216 4.13 -20.50 -31.78
CA SER A 216 4.50 -20.61 -33.21
C SER A 216 4.66 -19.24 -33.91
N GLU A 217 5.12 -19.29 -35.14
CA GLU A 217 5.23 -18.09 -35.94
C GLU A 217 3.91 -17.39 -36.16
N GLU A 218 2.81 -18.13 -36.24
CA GLU A 218 1.52 -17.54 -36.57
C GLU A 218 0.86 -16.85 -35.38
N ASP A 219 1.19 -17.25 -34.16
CA ASP A 219 0.41 -16.84 -32.97
C ASP A 219 0.22 -15.32 -32.83
N PHE A 220 1.27 -14.55 -33.10
CA PHE A 220 1.29 -13.09 -32.93
C PHE A 220 1.59 -12.31 -34.22
N LYS A 221 1.61 -12.96 -35.38
CA LYS A 221 2.17 -12.28 -36.57
C LYS A 221 1.41 -11.00 -36.96
N GLY A 222 0.13 -10.91 -36.66
CA GLY A 222 -0.66 -9.71 -37.00
C GLY A 222 -0.70 -8.55 -35.99
N LEU A 223 -0.04 -8.69 -34.84
CA LEU A 223 -0.27 -7.75 -33.76
C LEU A 223 0.79 -6.67 -33.74
N ILE A 224 0.79 -5.86 -34.81
CA ILE A 224 1.81 -4.82 -34.99
C ILE A 224 1.65 -3.62 -34.07
N ASN A 225 0.54 -3.51 -33.36
CA ASN A 225 0.42 -2.45 -32.33
C ASN A 225 0.81 -2.93 -30.89
N LEU A 226 1.04 -4.22 -30.68
CA LEU A 226 1.38 -4.71 -29.32
C LEU A 226 2.53 -3.96 -28.71
N THR A 227 2.32 -3.51 -27.47
CA THR A 227 3.40 -2.90 -26.70
C THR A 227 3.73 -3.75 -25.47
N LEU A 228 2.82 -4.64 -25.11
CA LEU A 228 3.07 -5.55 -24.01
C LEU A 228 2.60 -6.95 -24.27
N LEU A 229 3.46 -7.91 -23.92
CA LEU A 229 3.13 -9.33 -24.05
C LEU A 229 3.58 -10.05 -22.79
N ASP A 230 2.65 -10.75 -22.16
CA ASP A 230 2.91 -11.49 -20.94
C ASP A 230 2.72 -12.97 -21.18
N LEU A 231 3.81 -13.71 -21.24
CA LEU A 231 3.78 -15.16 -21.44
C LEU A 231 4.28 -15.96 -20.20
N SER A 232 4.61 -15.22 -19.13
CA SER A 232 5.03 -15.77 -17.81
C SER A 232 4.25 -16.99 -17.36
N GLY A 233 4.89 -17.91 -16.63
CA GLY A 233 4.12 -19.02 -16.06
C GLY A 233 3.60 -20.16 -16.94
N ASN A 234 4.03 -20.20 -18.19
CA ASN A 234 3.76 -21.33 -19.09
C ASN A 234 5.04 -22.18 -19.20
N CYS A 235 4.91 -23.48 -18.99
CA CYS A 235 6.09 -24.27 -18.56
C CYS A 235 6.82 -23.62 -17.36
N PRO A 236 6.11 -23.53 -16.25
CA PRO A 236 6.68 -22.86 -15.07
C PRO A 236 7.85 -23.60 -14.41
N ARG A 237 8.64 -22.86 -13.66
CA ARG A 237 9.66 -23.49 -12.82
C ARG A 237 9.02 -23.70 -11.45
N CYS A 238 8.77 -24.97 -11.09
CA CYS A 238 7.88 -25.30 -9.98
C CYS A 238 8.51 -25.57 -8.62
N PHE A 239 9.83 -25.67 -8.56
CA PHE A 239 10.46 -26.04 -7.32
C PHE A 239 10.18 -24.98 -6.28
N ASN A 240 9.72 -25.36 -5.10
CA ASN A 240 9.47 -24.36 -4.05
C ASN A 240 8.48 -23.27 -4.45
N ALA A 241 7.48 -23.59 -5.27
CA ALA A 241 6.50 -22.59 -5.65
C ALA A 241 5.50 -22.38 -4.51
N PRO A 242 5.10 -21.13 -4.27
CA PRO A 242 4.09 -20.87 -3.26
C PRO A 242 2.66 -21.03 -3.75
N PHE A 243 2.45 -21.85 -4.77
CA PHE A 243 1.10 -22.14 -5.29
C PHE A 243 1.16 -23.51 -5.93
N PRO A 244 0.00 -24.15 -6.16
CA PRO A 244 -0.07 -25.35 -6.98
C PRO A 244 0.48 -25.13 -8.39
N CYS A 245 1.48 -25.92 -8.77
CA CYS A 245 2.31 -25.59 -9.91
C CYS A 245 2.56 -26.87 -10.69
N VAL A 246 2.32 -26.85 -12.00
CA VAL A 246 2.41 -28.03 -12.87
C VAL A 246 3.45 -27.74 -13.96
N PRO A 247 4.61 -28.39 -13.91
CA PRO A 247 5.61 -28.11 -14.94
C PRO A 247 5.24 -28.67 -16.31
N CYS A 248 5.94 -28.24 -17.34
CA CYS A 248 5.84 -28.93 -18.63
C CYS A 248 6.62 -30.24 -18.52
N ASP A 249 6.16 -31.25 -19.25
CA ASP A 249 6.81 -32.55 -19.28
C ASP A 249 8.30 -32.51 -19.15
N GLY A 250 8.79 -33.15 -18.08
CA GLY A 250 10.19 -33.17 -17.72
C GLY A 250 10.76 -31.82 -17.36
N GLY A 251 9.93 -30.93 -16.83
CA GLY A 251 10.33 -29.53 -16.57
C GLY A 251 10.97 -28.77 -17.73
N ALA A 252 10.52 -29.09 -18.96
CA ALA A 252 11.04 -28.42 -20.15
C ALA A 252 10.62 -26.94 -20.25
N SER A 253 11.50 -26.19 -20.91
CA SER A 253 11.26 -24.83 -21.30
C SER A 253 10.03 -24.67 -22.15
N ILE A 254 9.56 -23.42 -22.20
CA ILE A 254 8.56 -23.03 -23.15
C ILE A 254 9.34 -23.09 -24.44
N ASN A 255 8.61 -23.42 -25.49
CA ASN A 255 9.17 -23.51 -26.84
C ASN A 255 8.64 -22.39 -27.71
N ILE A 256 9.50 -21.42 -27.97
CA ILE A 256 9.15 -20.25 -28.75
C ILE A 256 9.83 -20.29 -30.13
N ASP A 257 9.01 -20.43 -31.17
CA ASP A 257 9.51 -20.39 -32.57
C ASP A 257 10.44 -19.22 -32.79
N ARG A 258 11.56 -19.43 -33.49
CA ARG A 258 12.50 -18.35 -33.86
C ARG A 258 11.81 -17.06 -34.39
N PHE A 259 10.72 -17.19 -35.14
CA PHE A 259 10.06 -16.03 -35.74
C PHE A 259 8.78 -15.62 -35.00
N ALA A 260 8.72 -15.94 -33.71
CA ALA A 260 7.48 -15.76 -32.97
C ALA A 260 7.18 -14.28 -32.72
N PHE A 261 8.24 -13.48 -32.55
CA PHE A 261 8.12 -12.07 -32.23
C PHE A 261 8.49 -11.19 -33.41
N GLN A 262 8.25 -11.70 -34.61
CA GLN A 262 8.86 -11.15 -35.80
C GLN A 262 8.29 -9.76 -36.16
N ASN A 263 6.97 -9.65 -36.07
CA ASN A 263 6.28 -8.39 -36.35
C ASN A 263 5.79 -7.63 -35.10
N LEU A 264 6.50 -7.84 -33.98
CA LEU A 264 6.15 -7.19 -32.73
C LEU A 264 7.10 -6.01 -32.51
N THR A 265 7.11 -5.13 -33.49
CA THR A 265 8.13 -4.10 -33.55
C THR A 265 7.89 -3.01 -32.52
N GLN A 266 6.69 -2.93 -31.95
CA GLN A 266 6.36 -1.90 -30.97
C GLN A 266 6.44 -2.42 -29.51
N LEU A 267 6.98 -3.62 -29.28
CA LEU A 267 7.01 -4.17 -27.93
C LEU A 267 7.89 -3.37 -26.99
N ARG A 268 7.32 -3.02 -25.83
CA ARG A 268 8.04 -2.31 -24.73
C ARG A 268 8.17 -3.21 -23.48
N TYR A 269 7.18 -4.05 -23.27
CA TYR A 269 7.11 -4.95 -22.15
C TYR A 269 7.02 -6.41 -22.58
N LEU A 270 7.97 -7.20 -22.08
CA LEU A 270 7.96 -8.65 -22.29
C LEU A 270 8.11 -9.43 -21.00
N ASN A 271 7.10 -10.22 -20.70
CA ASN A 271 7.16 -10.98 -19.50
C ASN A 271 7.27 -12.47 -19.79
N LEU A 272 8.45 -13.00 -19.48
CA LEU A 272 8.72 -14.43 -19.61
C LEU A 272 9.17 -15.05 -18.27
N SER A 273 8.68 -14.51 -17.16
CA SER A 273 8.94 -15.12 -15.87
C SER A 273 8.40 -16.53 -15.80
N SER A 274 9.18 -17.37 -15.16
CA SER A 274 8.79 -18.76 -14.93
C SER A 274 8.28 -19.41 -16.20
N THR A 275 9.07 -19.36 -17.24
CA THR A 275 8.80 -20.14 -18.45
C THR A 275 9.84 -21.29 -18.63
N SER A 276 10.55 -21.59 -17.53
CA SER A 276 11.63 -22.60 -17.48
C SER A 276 12.71 -22.44 -18.57
N LEU A 277 13.12 -21.21 -18.82
CA LEU A 277 14.07 -20.90 -19.88
C LEU A 277 15.48 -21.16 -19.41
N ARG A 278 16.23 -21.86 -20.26
CA ARG A 278 17.66 -22.06 -20.07
C ARG A 278 18.47 -21.31 -21.13
N LYS A 279 17.87 -21.09 -22.28
CA LYS A 279 18.53 -20.45 -23.39
C LYS A 279 17.61 -19.33 -23.83
N ILE A 280 18.19 -18.15 -24.04
CA ILE A 280 17.48 -17.06 -24.67
C ILE A 280 18.03 -16.88 -26.08
N ASN A 281 17.13 -16.99 -27.04
CA ASN A 281 17.44 -16.84 -28.44
C ASN A 281 17.49 -15.36 -28.76
N ALA A 282 18.70 -14.86 -29.00
CA ALA A 282 18.97 -13.53 -29.48
C ALA A 282 18.06 -13.11 -30.64
N ALA A 283 17.70 -14.04 -31.53
CA ALA A 283 16.88 -13.70 -32.71
C ALA A 283 15.46 -13.28 -32.31
N TRP A 284 15.04 -13.65 -31.10
CA TRP A 284 13.73 -13.19 -30.60
C TRP A 284 13.66 -11.66 -30.54
N PHE A 285 14.78 -10.99 -30.30
CA PHE A 285 14.84 -9.54 -30.07
C PHE A 285 15.23 -8.73 -31.29
N LYS A 286 15.49 -9.44 -32.39
CA LYS A 286 15.90 -8.81 -33.65
C LYS A 286 15.05 -7.64 -34.11
N ASN A 287 13.74 -7.78 -34.10
CA ASN A 287 12.82 -6.73 -34.60
C ASN A 287 12.07 -6.01 -33.46
N MET A 288 12.75 -5.85 -32.34
CA MET A 288 12.13 -5.29 -31.14
C MET A 288 13.04 -4.14 -30.68
N PRO A 289 13.18 -3.08 -31.50
CA PRO A 289 14.11 -2.01 -31.15
C PRO A 289 13.72 -1.15 -29.92
N HIS A 290 12.47 -1.26 -29.45
CA HIS A 290 11.99 -0.36 -28.38
C HIS A 290 11.91 -1.06 -26.99
N LEU A 291 12.30 -2.32 -26.89
CA LEU A 291 11.99 -3.11 -25.71
C LEU A 291 12.59 -2.45 -24.49
N LYS A 292 11.75 -2.25 -23.50
CA LYS A 292 12.07 -1.40 -22.36
C LYS A 292 12.19 -2.20 -21.03
N VAL A 293 11.28 -3.14 -20.83
CA VAL A 293 11.19 -3.89 -19.62
C VAL A 293 11.12 -5.37 -19.98
N LEU A 294 12.08 -6.10 -19.46
CA LEU A 294 12.17 -7.52 -19.74
C LEU A 294 12.24 -8.25 -18.42
N ASP A 295 11.25 -9.09 -18.23
CA ASP A 295 11.10 -9.86 -17.00
C ASP A 295 11.44 -11.35 -17.23
N LEU A 296 12.53 -11.80 -16.58
CA LEU A 296 13.03 -13.18 -16.75
C LEU A 296 13.26 -13.85 -15.39
N GLU A 297 12.34 -13.60 -14.47
CA GLU A 297 12.43 -14.17 -13.14
C GLU A 297 12.09 -15.66 -13.17
N PHE A 298 12.61 -16.38 -12.20
CA PHE A 298 12.17 -17.75 -11.95
C PHE A 298 12.38 -18.65 -13.19
N ASN A 299 13.48 -18.41 -13.91
CA ASN A 299 13.93 -19.30 -14.99
C ASN A 299 15.17 -20.09 -14.56
N TYR A 300 15.95 -20.61 -15.51
CA TYR A 300 17.19 -21.27 -15.18
C TYR A 300 18.33 -20.62 -15.89
N LEU A 301 18.45 -19.30 -15.74
CA LEU A 301 19.36 -18.54 -16.61
C LEU A 301 20.71 -18.21 -16.04
N VAL A 302 21.19 -18.92 -15.01
CA VAL A 302 22.55 -18.67 -14.51
C VAL A 302 23.57 -18.75 -15.68
N GLY A 303 23.44 -19.78 -16.50
CA GLY A 303 24.31 -19.94 -17.67
C GLY A 303 24.15 -18.78 -18.62
N GLU A 304 22.92 -18.48 -18.98
CA GLU A 304 22.70 -17.32 -19.83
C GLU A 304 23.20 -16.00 -19.31
N ILE A 305 23.15 -15.78 -17.99
CA ILE A 305 23.64 -14.52 -17.39
C ILE A 305 25.13 -14.41 -17.54
N ALA A 306 25.79 -15.57 -17.52
CA ALA A 306 27.25 -15.63 -17.69
C ALA A 306 27.68 -15.49 -19.16
N SER A 307 26.77 -15.74 -20.10
CA SER A 307 27.07 -15.66 -21.55
C SER A 307 26.30 -14.56 -22.31
N GLY A 308 25.00 -14.77 -22.50
CA GLY A 308 24.09 -13.65 -22.77
C GLY A 308 24.29 -12.91 -24.07
N ALA A 309 24.34 -13.64 -25.17
CA ALA A 309 24.34 -13.00 -26.48
C ALA A 309 23.12 -12.11 -26.68
N PHE A 310 21.93 -12.54 -26.22
CA PHE A 310 20.71 -11.71 -26.34
C PHE A 310 20.84 -10.26 -25.82
N LEU A 311 21.84 -10.01 -24.97
CA LEU A 311 22.00 -8.73 -24.30
C LEU A 311 22.46 -7.66 -25.26
N THR A 312 23.02 -8.10 -26.38
CA THR A 312 23.63 -7.22 -27.33
C THR A 312 22.51 -6.65 -28.19
N MET A 313 21.36 -7.31 -28.15
CA MET A 313 20.16 -6.94 -28.91
C MET A 313 19.24 -5.94 -28.18
N LEU A 314 19.69 -5.37 -27.06
CA LEU A 314 18.78 -4.64 -26.18
C LEU A 314 19.36 -3.32 -25.70
N PRO A 315 19.81 -2.47 -26.64
CA PRO A 315 20.48 -1.27 -26.19
C PRO A 315 19.51 -0.15 -25.65
N ARG A 316 18.20 -0.36 -25.72
CA ARG A 316 17.21 0.56 -25.18
C ARG A 316 16.55 0.02 -23.89
N LEU A 317 16.99 -1.13 -23.39
CA LEU A 317 16.32 -1.73 -22.25
C LEU A 317 16.66 -0.94 -20.98
N GLU A 318 15.63 -0.63 -20.20
CA GLU A 318 15.81 0.17 -18.98
C GLU A 318 15.77 -0.62 -17.67
N ILE A 319 14.96 -1.67 -17.63
CA ILE A 319 14.75 -2.49 -16.43
C ILE A 319 14.84 -3.97 -16.83
N LEU A 320 15.78 -4.66 -16.21
CA LEU A 320 15.98 -6.09 -16.47
C LEU A 320 15.87 -6.84 -15.16
N ASP A 321 14.91 -7.75 -15.06
CA ASP A 321 14.71 -8.51 -13.87
C ASP A 321 15.10 -9.98 -14.08
N LEU A 322 16.20 -10.36 -13.45
CA LEU A 322 16.70 -11.72 -13.52
C LEU A 322 16.64 -12.39 -12.14
N SER A 323 15.66 -12.00 -11.33
CA SER A 323 15.51 -12.55 -9.98
C SER A 323 15.16 -14.05 -9.94
N PHE A 324 15.62 -14.71 -8.91
CA PHE A 324 15.26 -16.12 -8.68
C PHE A 324 15.65 -17.07 -9.81
N ASN A 325 16.84 -16.87 -10.36
CA ASN A 325 17.34 -17.81 -11.33
C ASN A 325 18.35 -18.78 -10.72
N TYR A 326 18.42 -18.83 -9.39
CA TYR A 326 19.31 -19.75 -8.68
C TYR A 326 19.28 -21.21 -9.15
N ILE A 327 20.42 -21.87 -9.07
CA ILE A 327 20.46 -23.32 -9.34
C ILE A 327 20.10 -24.05 -8.06
N LYS A 328 19.03 -24.81 -8.13
CA LYS A 328 18.62 -25.62 -7.00
C LYS A 328 19.88 -26.24 -6.33
N GLY A 329 20.06 -25.95 -5.05
CA GLY A 329 21.07 -26.63 -4.29
C GLY A 329 22.44 -26.02 -4.34
N SER A 330 22.68 -24.99 -5.16
CA SER A 330 24.03 -24.40 -5.21
C SER A 330 24.16 -23.06 -4.53
N TYR A 331 25.34 -22.92 -3.91
CA TYR A 331 25.76 -21.78 -3.16
C TYR A 331 27.15 -21.47 -3.65
N PRO A 332 27.22 -21.03 -4.90
CA PRO A 332 28.51 -20.73 -5.43
C PRO A 332 29.13 -19.55 -4.73
N GLN A 333 30.43 -19.40 -4.90
CA GLN A 333 31.18 -18.37 -4.28
C GLN A 333 30.83 -16.99 -4.83
N HIS A 334 30.65 -16.91 -6.15
CA HIS A 334 30.62 -15.63 -6.83
C HIS A 334 29.49 -15.59 -7.84
N ILE A 335 29.07 -14.39 -8.18
CA ILE A 335 28.09 -14.27 -9.23
C ILE A 335 28.89 -14.14 -10.54
N ASN A 336 28.38 -14.71 -11.61
CA ASN A 336 29.06 -14.55 -12.92
C ASN A 336 28.21 -13.76 -13.95
N ILE A 337 28.63 -12.53 -14.19
CA ILE A 337 27.96 -11.61 -15.10
C ILE A 337 28.74 -11.49 -16.42
N SER A 338 28.07 -11.80 -17.53
CA SER A 338 28.66 -11.64 -18.85
C SER A 338 29.20 -10.24 -19.10
N ARG A 339 30.28 -10.18 -19.87
CA ARG A 339 30.81 -8.92 -20.34
C ARG A 339 29.73 -8.22 -21.17
N ASN A 340 28.83 -8.99 -21.74
CA ASN A 340 27.79 -8.40 -22.57
C ASN A 340 26.79 -7.52 -21.84
N PHE A 341 26.88 -7.44 -20.52
CA PHE A 341 25.97 -6.57 -19.78
C PHE A 341 26.35 -5.13 -20.11
N SER A 342 27.59 -4.92 -20.53
CA SER A 342 28.07 -3.61 -20.90
C SER A 342 27.37 -3.01 -22.15
N LYS A 343 26.53 -3.78 -22.82
CA LYS A 343 25.83 -3.30 -24.01
C LYS A 343 24.45 -2.75 -23.69
N LEU A 344 24.02 -2.92 -22.43
CA LEU A 344 22.71 -2.48 -22.00
C LEU A 344 22.75 -1.00 -21.68
N LEU A 345 23.03 -0.22 -22.72
CA LEU A 345 23.37 1.18 -22.60
C LEU A 345 22.30 1.99 -21.89
N SER A 346 21.05 1.56 -21.99
CA SER A 346 19.92 2.30 -21.43
C SER A 346 19.53 1.82 -20.02
N LEU A 347 20.13 0.74 -19.56
CA LEU A 347 19.72 0.10 -18.32
C LEU A 347 19.69 1.08 -17.15
N ARG A 348 18.57 1.07 -16.42
CA ARG A 348 18.35 1.96 -15.27
C ARG A 348 18.24 1.14 -13.99
N ALA A 349 17.62 -0.03 -14.06
CA ALA A 349 17.57 -0.90 -12.90
C ALA A 349 17.85 -2.36 -13.30
N LEU A 350 18.61 -3.04 -12.46
CA LEU A 350 18.90 -4.47 -12.62
C LEU A 350 18.53 -5.20 -11.35
N HIS A 351 17.63 -6.16 -11.45
CA HIS A 351 17.20 -6.92 -10.33
C HIS A 351 17.85 -8.30 -10.44
N LEU A 352 18.64 -8.66 -9.44
CA LEU A 352 19.27 -9.97 -9.36
C LEU A 352 19.09 -10.56 -7.96
N ARG A 353 17.83 -10.66 -7.53
N ARG A 353 17.84 -10.68 -7.52
CA ARG A 353 17.51 -11.32 -6.26
CA ARG A 353 17.58 -11.32 -6.24
C ARG A 353 17.70 -12.80 -6.50
C ARG A 353 17.55 -12.82 -6.47
N GLY A 354 17.83 -13.59 -5.44
CA GLY A 354 17.66 -15.02 -5.55
C GLY A 354 18.51 -15.72 -6.61
N TYR A 355 19.70 -15.21 -6.86
CA TYR A 355 20.73 -15.93 -7.62
C TYR A 355 21.44 -16.91 -6.70
N VAL A 356 21.91 -16.40 -5.55
CA VAL A 356 22.51 -17.17 -4.44
C VAL A 356 24.02 -17.33 -4.57
N PHE A 357 24.75 -16.58 -3.77
CA PHE A 357 26.17 -16.54 -3.88
C PHE A 357 26.75 -15.90 -2.64
N GLN A 358 28.04 -16.12 -2.44
CA GLN A 358 28.67 -15.92 -1.13
C GLN A 358 29.35 -14.62 -0.98
N GLU A 359 29.95 -14.16 -2.06
CA GLU A 359 30.90 -13.05 -2.00
C GLU A 359 30.69 -12.17 -3.25
N LEU A 360 30.71 -10.86 -3.08
CA LEU A 360 30.73 -9.92 -4.18
C LEU A 360 32.05 -9.19 -4.23
N ARG A 361 32.82 -9.38 -5.31
CA ARG A 361 34.12 -8.75 -5.52
C ARG A 361 34.00 -7.61 -6.52
N GLU A 362 34.95 -6.67 -6.48
CA GLU A 362 34.87 -5.52 -7.38
C GLU A 362 34.74 -5.91 -8.85
N ASP A 363 35.42 -6.98 -9.24
CA ASP A 363 35.58 -7.31 -10.65
C ASP A 363 34.38 -8.02 -11.19
N ASP A 364 33.62 -8.62 -10.31
CA ASP A 364 32.43 -9.35 -10.71
C ASP A 364 31.37 -8.47 -11.39
N PHE A 365 31.37 -7.17 -11.06
CA PHE A 365 30.42 -6.21 -11.63
C PHE A 365 31.05 -5.20 -12.62
N GLN A 366 32.30 -5.44 -13.02
CA GLN A 366 32.99 -4.58 -14.01
C GLN A 366 32.05 -4.24 -15.16
N PRO A 367 31.39 -5.25 -15.73
CA PRO A 367 30.57 -4.97 -16.91
C PRO A 367 29.40 -4.00 -16.71
N LEU A 368 29.06 -3.67 -15.46
CA LEU A 368 27.99 -2.71 -15.23
C LEU A 368 28.51 -1.30 -15.00
N MET A 369 29.82 -1.15 -14.78
CA MET A 369 30.32 0.11 -14.22
C MET A 369 30.33 1.33 -15.13
N GLN A 370 30.12 1.13 -16.44
CA GLN A 370 30.18 2.22 -17.40
C GLN A 370 28.79 2.59 -17.91
N LEU A 371 27.78 1.84 -17.46
CA LEU A 371 26.42 2.09 -17.91
C LEU A 371 25.96 3.40 -17.27
N PRO A 372 25.61 4.39 -18.10
CA PRO A 372 25.57 5.75 -17.58
C PRO A 372 24.32 6.04 -16.74
N ASN A 373 23.24 5.31 -17.01
CA ASN A 373 21.99 5.47 -16.27
C ASN A 373 21.56 4.36 -15.30
N LEU A 374 22.47 3.48 -14.93
CA LEU A 374 22.09 2.38 -14.06
C LEU A 374 22.01 2.97 -12.65
N SER A 375 20.81 3.12 -12.13
CA SER A 375 20.72 3.78 -10.81
C SER A 375 20.31 2.83 -9.72
N THR A 376 19.62 1.75 -10.07
CA THR A 376 19.23 0.75 -9.09
C THR A 376 19.89 -0.58 -9.31
N ILE A 377 20.64 -1.05 -8.32
CA ILE A 377 21.11 -2.43 -8.26
C ILE A 377 20.47 -3.17 -7.06
N ASN A 378 19.77 -4.27 -7.39
CA ASN A 378 19.02 -5.02 -6.42
C ASN A 378 19.56 -6.44 -6.30
N LEU A 379 20.15 -6.73 -5.13
CA LEU A 379 20.71 -8.03 -4.75
C LEU A 379 20.06 -8.52 -3.46
N GLY A 380 18.81 -8.14 -3.23
CA GLY A 380 18.03 -8.80 -2.19
C GLY A 380 18.12 -10.34 -2.24
N ILE A 381 18.23 -10.97 -1.08
CA ILE A 381 17.92 -12.40 -0.91
C ILE A 381 18.89 -13.27 -1.71
N ASN A 382 20.17 -13.05 -1.47
CA ASN A 382 21.23 -13.81 -2.09
C ASN A 382 22.12 -14.59 -1.13
N PHE A 383 21.83 -14.52 0.18
CA PHE A 383 22.66 -15.07 1.23
C PHE A 383 24.11 -14.71 1.10
N ILE A 384 24.36 -13.45 0.72
CA ILE A 384 25.71 -12.92 0.52
C ILE A 384 26.37 -12.67 1.86
N LYS A 385 27.59 -13.18 2.06
CA LYS A 385 28.31 -13.03 3.31
C LYS A 385 29.24 -11.84 3.32
N GLN A 386 29.75 -11.47 2.17
CA GLN A 386 30.80 -10.46 2.16
C GLN A 386 30.70 -9.67 0.90
N ILE A 387 30.79 -8.36 1.06
CA ILE A 387 30.84 -7.45 -0.05
C ILE A 387 32.03 -6.53 0.04
N ASP A 388 32.69 -6.39 -1.09
CA ASP A 388 33.71 -5.39 -1.34
C ASP A 388 33.03 -4.04 -1.61
N PHE A 389 32.73 -3.30 -0.55
CA PHE A 389 31.93 -2.09 -0.71
C PHE A 389 32.47 -1.03 -1.68
N LYS A 390 33.80 -0.88 -1.73
CA LYS A 390 34.41 0.15 -2.57
C LYS A 390 33.94 0.10 -4.02
N LEU A 391 33.53 -1.06 -4.49
CA LEU A 391 33.05 -1.21 -5.86
C LEU A 391 31.87 -0.29 -6.29
N PHE A 392 31.00 0.10 -5.36
CA PHE A 392 29.74 0.78 -5.75
C PHE A 392 29.99 2.17 -6.29
N GLN A 393 30.98 2.79 -5.70
CA GLN A 393 31.49 4.10 -6.03
C GLN A 393 32.12 4.12 -7.43
N ASN A 394 32.67 2.99 -7.90
CA ASN A 394 33.12 2.88 -9.30
C ASN A 394 32.00 2.80 -10.35
N PHE A 395 30.75 2.63 -9.94
CA PHE A 395 29.62 2.76 -10.87
C PHE A 395 29.52 4.22 -11.26
N SER A 396 28.86 4.50 -12.38
CA SER A 396 28.68 5.87 -12.86
C SER A 396 27.89 6.72 -11.88
N ASN A 397 26.63 6.39 -11.65
CA ASN A 397 25.97 6.85 -10.43
C ASN A 397 24.79 5.98 -9.95
N LEU A 398 25.10 5.04 -9.08
CA LEU A 398 24.05 4.37 -8.34
C LEU A 398 23.28 5.36 -7.46
N GLU A 399 21.95 5.19 -7.39
CA GLU A 399 21.09 5.91 -6.45
C GLU A 399 20.48 5.02 -5.38
N ILE A 400 20.33 3.75 -5.71
CA ILE A 400 19.70 2.80 -4.83
C ILE A 400 20.57 1.56 -4.88
N ILE A 401 21.28 1.32 -3.78
CA ILE A 401 22.14 0.15 -3.63
C ILE A 401 21.40 -0.75 -2.66
N TYR A 402 20.54 -1.62 -3.18
CA TYR A 402 19.64 -2.40 -2.33
C TYR A 402 20.24 -3.75 -1.96
N LEU A 403 20.66 -3.91 -0.69
CA LEU A 403 21.26 -5.18 -0.23
C LEU A 403 20.48 -5.95 0.84
N SER A 404 19.21 -5.63 1.00
CA SER A 404 18.39 -6.19 2.10
C SER A 404 18.40 -7.71 2.04
N GLU A 405 18.45 -8.36 3.21
CA GLU A 405 18.16 -9.79 3.35
C GLU A 405 19.30 -10.60 2.71
N ASN A 406 20.45 -10.48 3.34
CA ASN A 406 21.63 -11.21 2.96
C ASN A 406 22.28 -11.64 4.28
N ARG A 407 23.58 -11.93 4.28
CA ARG A 407 24.29 -12.31 5.51
C ARG A 407 25.52 -11.45 5.73
N ILE A 408 25.43 -10.20 5.37
CA ILE A 408 26.54 -9.29 5.61
C ILE A 408 26.72 -9.12 7.10
N SER A 409 27.97 -9.03 7.51
CA SER A 409 28.28 -9.00 8.92
C SER A 409 29.40 -8.02 9.13
N PRO A 410 29.80 -7.77 10.40
CA PRO A 410 30.71 -6.64 10.56
C PRO A 410 31.96 -6.76 9.70
N LEU A 411 32.29 -5.67 9.00
CA LEU A 411 33.50 -5.62 8.18
C LEU A 411 34.71 -5.99 9.03
N VAL A 412 35.53 -6.85 8.45
CA VAL A 412 36.53 -7.63 9.16
C VAL A 412 37.97 -7.16 8.90
N PHE A 437 -9.47 -16.02 -2.16
CA PHE A 437 -8.31 -16.04 -3.05
C PHE A 437 -7.06 -15.25 -2.58
N GLU A 438 -5.91 -15.91 -2.62
CA GLU A 438 -4.71 -15.43 -1.97
C GLU A 438 -4.01 -14.31 -2.74
N PHE A 439 -4.14 -14.28 -4.06
CA PHE A 439 -3.32 -13.44 -4.94
C PHE A 439 -4.16 -12.37 -5.59
N ASP A 440 -3.68 -11.13 -5.48
CA ASP A 440 -4.42 -9.99 -6.00
C ASP A 440 -4.38 -10.07 -7.52
N PRO A 441 -5.55 -10.25 -8.16
CA PRO A 441 -5.55 -10.36 -9.62
C PRO A 441 -5.06 -9.10 -10.35
N HIS A 442 -5.00 -7.96 -9.65
CA HIS A 442 -4.66 -6.69 -10.30
C HIS A 442 -3.23 -6.27 -9.99
N SER A 443 -2.47 -7.15 -9.34
CA SER A 443 -1.05 -6.93 -9.07
C SER A 443 -0.22 -7.87 -9.88
N ASN A 444 1.06 -7.59 -9.88
CA ASN A 444 2.08 -8.45 -10.42
C ASN A 444 2.20 -9.73 -9.60
N PHE A 445 2.32 -10.86 -10.28
CA PHE A 445 2.26 -12.12 -9.59
C PHE A 445 3.61 -12.57 -9.06
N TYR A 446 4.69 -12.18 -9.72
CA TYR A 446 6.01 -12.76 -9.51
C TYR A 446 6.87 -11.93 -8.54
N HIS A 447 6.55 -10.65 -8.36
CA HIS A 447 7.14 -9.83 -7.27
C HIS A 447 6.22 -8.72 -6.75
N PHE A 448 6.63 -8.10 -5.64
CA PHE A 448 5.91 -6.96 -5.08
C PHE A 448 6.19 -5.73 -5.93
N THR A 449 5.23 -4.82 -6.03
CA THR A 449 5.38 -3.63 -6.88
C THR A 449 5.91 -2.38 -6.13
N ARG A 450 6.08 -2.47 -4.83
CA ARG A 450 6.34 -1.26 -4.06
C ARG A 450 7.81 -0.77 -4.20
N PRO A 451 8.05 0.50 -3.86
CA PRO A 451 9.45 0.95 -4.03
C PRO A 451 10.41 0.11 -3.18
N LEU A 452 11.66 0.01 -3.60
CA LEU A 452 12.61 -0.78 -2.84
C LEU A 452 12.93 -0.08 -1.53
N ILE A 453 13.10 1.23 -1.63
CA ILE A 453 13.47 2.12 -0.52
C ILE A 453 12.29 3.07 -0.33
N LYS A 454 11.98 3.38 0.93
CA LYS A 454 10.88 4.30 1.19
C LYS A 454 11.11 5.60 0.43
N PRO A 455 10.08 6.07 -0.29
CA PRO A 455 10.27 7.30 -1.07
C PRO A 455 10.73 8.49 -0.24
N GLN A 456 10.31 8.58 1.02
CA GLN A 456 10.80 9.67 1.86
C GLN A 456 12.30 9.67 2.12
N CYS A 457 12.89 8.49 2.14
CA CYS A 457 14.30 8.37 2.44
C CYS A 457 15.06 8.54 1.10
N ALA A 458 14.60 7.86 0.06
CA ALA A 458 15.30 7.93 -1.20
C ALA A 458 15.27 9.37 -1.72
N ALA A 459 14.22 10.15 -1.37
CA ALA A 459 14.16 11.57 -1.78
C ALA A 459 15.35 12.43 -1.33
N TYR A 460 16.08 12.03 -0.29
CA TYR A 460 17.25 12.80 0.15
C TYR A 460 18.50 12.59 -0.69
N GLY A 461 18.57 11.54 -1.47
CA GLY A 461 19.77 11.30 -2.26
C GLY A 461 20.09 9.81 -2.31
N LYS A 462 21.38 9.52 -2.39
CA LYS A 462 21.86 8.16 -2.60
C LYS A 462 21.53 7.28 -1.40
N ALA A 463 21.03 6.09 -1.70
CA ALA A 463 20.46 5.22 -0.72
C ALA A 463 21.14 3.88 -0.65
N LEU A 464 21.47 3.45 0.58
CA LEU A 464 22.04 2.14 0.82
C LEU A 464 21.19 1.41 1.81
N ASP A 465 20.61 0.30 1.39
CA ASP A 465 19.75 -0.47 2.27
C ASP A 465 20.47 -1.77 2.61
N LEU A 466 20.94 -1.87 3.86
CA LEU A 466 21.59 -3.03 4.41
C LEU A 466 20.66 -3.68 5.44
N SER A 467 19.34 -3.45 5.33
CA SER A 467 18.41 -4.00 6.31
C SER A 467 18.35 -5.51 6.22
N LEU A 468 18.00 -6.17 7.33
CA LEU A 468 17.87 -7.64 7.37
C LEU A 468 19.17 -8.36 7.01
N ASN A 469 20.25 -7.86 7.61
CA ASN A 469 21.53 -8.54 7.55
C ASN A 469 22.02 -8.81 8.98
N SER A 470 23.33 -8.93 9.19
CA SER A 470 23.89 -9.18 10.49
C SER A 470 25.04 -8.28 10.81
N ILE A 471 24.88 -7.00 10.52
CA ILE A 471 25.89 -6.05 10.91
C ILE A 471 25.60 -5.71 12.34
N PHE A 472 25.96 -6.61 13.24
CA PHE A 472 25.50 -6.53 14.65
C PHE A 472 26.37 -5.52 15.40
N PHE A 473 27.40 -5.01 14.74
CA PHE A 473 28.33 -4.07 15.37
C PHE A 473 29.00 -3.28 14.24
N ILE A 474 28.89 -1.96 14.28
CA ILE A 474 29.51 -1.09 13.32
C ILE A 474 30.87 -0.67 13.85
N GLY A 475 31.90 -1.20 13.22
CA GLY A 475 33.27 -0.91 13.60
C GLY A 475 33.82 0.24 12.78
N PRO A 476 35.07 0.67 13.08
CA PRO A 476 35.61 1.96 12.60
C PRO A 476 35.64 2.10 11.08
N ASN A 477 35.64 0.98 10.34
CA ASN A 477 35.84 0.97 8.89
C ASN A 477 34.66 0.51 8.04
N GLN A 478 33.54 0.20 8.67
CA GLN A 478 32.42 -0.41 7.96
C GLN A 478 31.96 0.38 6.74
N PHE A 479 31.93 1.73 6.83
CA PHE A 479 31.38 2.52 5.72
C PHE A 479 32.44 3.27 4.87
N GLU A 480 33.70 2.86 4.99
CA GLU A 480 34.79 3.33 4.13
C GLU A 480 34.43 3.18 2.67
N ASN A 481 34.79 4.16 1.84
CA ASN A 481 34.82 3.98 0.38
C ASN A 481 33.44 3.86 -0.26
N LEU A 482 32.47 4.53 0.36
CA LEU A 482 31.13 4.56 -0.13
C LEU A 482 30.88 5.92 -0.73
N PRO A 483 29.89 6.01 -1.62
CA PRO A 483 29.45 7.31 -2.11
C PRO A 483 28.87 8.13 -0.96
N ASP A 484 28.35 9.30 -1.33
CA ASP A 484 27.83 10.22 -0.34
C ASP A 484 26.41 9.72 -0.05
N ILE A 485 26.33 8.83 0.94
CA ILE A 485 25.05 8.25 1.32
C ILE A 485 24.19 9.24 2.12
N ALA A 486 22.98 9.46 1.62
CA ALA A 486 21.96 10.31 2.22
C ALA A 486 20.86 9.52 2.97
N CYS A 487 20.62 8.29 2.53
CA CYS A 487 19.55 7.45 3.03
C CYS A 487 20.20 6.09 3.35
N LEU A 488 20.24 5.77 4.63
CA LEU A 488 20.87 4.56 5.12
C LEU A 488 19.86 3.71 5.90
N ASN A 489 19.73 2.45 5.53
CA ASN A 489 18.82 1.59 6.22
C ASN A 489 19.60 0.47 6.86
N LEU A 490 19.62 0.50 8.18
CA LEU A 490 20.25 -0.58 8.94
C LEU A 490 19.24 -1.31 9.84
N SER A 491 17.97 -1.24 9.51
CA SER A 491 16.92 -1.97 10.23
C SER A 491 17.28 -3.48 10.34
N ALA A 492 17.00 -4.10 11.49
CA ALA A 492 17.03 -5.58 11.67
C ALA A 492 18.36 -6.23 11.34
N ASN A 493 19.40 -5.70 12.00
CA ASN A 493 20.74 -6.20 11.96
C ASN A 493 21.24 -6.67 13.30
N SER A 494 20.32 -6.87 14.23
CA SER A 494 20.65 -7.42 15.54
C SER A 494 21.70 -6.60 16.23
N ASN A 495 21.64 -5.28 16.10
CA ASN A 495 22.73 -4.48 16.58
C ASN A 495 22.45 -4.13 18.04
N ALA A 496 23.39 -4.48 18.91
CA ALA A 496 23.28 -4.27 20.35
C ALA A 496 24.41 -3.38 20.88
N GLN A 497 25.08 -2.66 19.98
CA GLN A 497 26.15 -1.76 20.39
C GLN A 497 25.72 -0.45 21.06
N VAL A 498 26.69 0.15 21.75
CA VAL A 498 26.58 1.47 22.29
C VAL A 498 27.20 2.43 21.27
N LEU A 499 26.34 3.06 20.49
CA LEU A 499 26.76 4.06 19.53
C LEU A 499 27.34 5.22 20.34
N SER A 500 28.32 5.94 19.79
CA SER A 500 29.13 6.84 20.62
C SER A 500 29.69 8.05 19.90
N GLY A 501 29.25 8.32 18.69
CA GLY A 501 29.66 9.54 18.02
C GLY A 501 30.69 9.39 16.92
N THR A 502 31.19 8.20 16.64
CA THR A 502 32.20 8.00 15.58
C THR A 502 31.81 6.98 14.51
N GLU A 503 30.76 6.19 14.76
CA GLU A 503 30.51 5.02 13.94
C GLU A 503 30.14 5.41 12.51
N PHE A 504 29.50 6.56 12.34
CA PHE A 504 29.11 6.94 11.03
C PHE A 504 30.01 8.08 10.48
N SER A 505 31.20 8.29 11.04
CA SER A 505 32.07 9.41 10.57
C SER A 505 32.43 9.36 9.07
N ALA A 506 32.44 8.17 8.48
CA ALA A 506 32.85 8.03 7.08
C ALA A 506 31.69 8.25 6.12
N ILE A 507 30.47 8.37 6.64
CA ILE A 507 29.36 8.81 5.79
C ILE A 507 28.58 9.90 6.55
N PRO A 508 29.25 11.03 6.78
CA PRO A 508 28.71 12.05 7.68
C PRO A 508 27.53 12.85 7.16
N HIS A 509 27.10 12.65 5.93
CA HIS A 509 26.00 13.44 5.40
C HIS A 509 24.74 12.62 5.30
N VAL A 510 24.65 11.52 6.03
CA VAL A 510 23.37 10.81 6.09
C VAL A 510 22.31 11.77 6.62
N LYS A 511 21.23 11.86 5.90
CA LYS A 511 20.11 12.70 6.30
C LYS A 511 18.89 11.92 6.78
N TYR A 512 18.78 10.66 6.39
CA TYR A 512 17.65 9.82 6.85
C TYR A 512 18.22 8.48 7.29
N LEU A 513 18.21 8.22 8.59
CA LEU A 513 18.84 7.02 9.12
C LEU A 513 17.78 6.12 9.78
N ASP A 514 17.61 4.91 9.23
CA ASP A 514 16.65 3.93 9.75
C ASP A 514 17.43 2.91 10.55
N LEU A 515 17.23 2.95 11.88
CA LEU A 515 17.87 1.99 12.77
C LEU A 515 16.87 1.04 13.43
N THR A 516 15.73 0.86 12.82
CA THR A 516 14.65 0.20 13.53
C THR A 516 14.94 -1.25 13.73
N ASN A 517 14.25 -1.81 14.71
CA ASN A 517 14.26 -3.25 14.95
C ASN A 517 15.65 -3.85 15.17
N ASN A 518 16.44 -3.17 15.99
CA ASN A 518 17.71 -3.69 16.45
C ASN A 518 17.63 -3.90 17.99
N ARG A 519 18.77 -4.02 18.66
CA ARG A 519 18.81 -4.14 20.11
C ARG A 519 19.71 -3.07 20.66
N LEU A 520 19.55 -1.84 20.20
CA LEU A 520 20.59 -0.82 20.44
C LEU A 520 20.58 -0.44 21.90
N ASP A 521 21.78 -0.29 22.43
CA ASP A 521 22.03 0.07 23.82
C ASP A 521 22.38 1.56 23.82
N PHE A 522 21.38 2.38 24.12
CA PHE A 522 21.53 3.83 24.11
C PHE A 522 22.18 4.29 25.44
N ASP A 523 23.48 4.12 25.54
CA ASP A 523 24.17 4.35 26.80
C ASP A 523 25.28 5.37 26.65
N ASN A 524 25.24 6.23 25.64
CA ASN A 524 26.30 7.23 25.46
C ASN A 524 25.76 8.51 24.86
N ALA A 525 25.99 9.64 25.52
CA ALA A 525 25.32 10.89 25.13
C ALA A 525 25.79 11.43 23.79
N SER A 526 26.86 10.86 23.24
CA SER A 526 27.39 11.34 21.97
C SER A 526 26.86 10.56 20.76
N ALA A 527 26.01 9.55 21.01
CA ALA A 527 25.49 8.71 19.94
C ALA A 527 25.02 9.53 18.77
N LEU A 528 25.42 9.14 17.58
CA LEU A 528 24.92 9.71 16.33
C LEU A 528 25.24 11.19 16.06
N THR A 529 26.02 11.82 16.93
CA THR A 529 26.23 13.29 16.80
C THR A 529 27.14 13.66 15.61
N GLU A 530 27.85 12.71 15.06
CA GLU A 530 28.67 12.89 13.84
C GLU A 530 27.86 13.21 12.62
N LEU A 531 26.57 12.90 12.64
CA LEU A 531 25.69 13.12 11.51
C LEU A 531 24.98 14.44 11.67
N SER A 532 25.71 15.55 11.41
CA SER A 532 25.11 16.86 11.67
C SER A 532 24.11 17.33 10.65
N ASP A 533 24.00 16.69 9.48
CA ASP A 533 22.90 16.94 8.56
C ASP A 533 21.63 16.07 8.83
N LEU A 534 21.67 15.16 9.79
CA LEU A 534 20.53 14.23 10.03
C LEU A 534 19.21 15.01 10.15
N GLU A 535 18.23 14.68 9.31
CA GLU A 535 16.89 15.22 9.36
C GLU A 535 15.80 14.25 9.87
N VAL A 536 16.03 12.96 9.69
CA VAL A 536 15.04 11.95 10.05
C VAL A 536 15.77 10.78 10.66
N LEU A 537 15.35 10.41 11.86
CA LEU A 537 15.97 9.34 12.57
C LEU A 537 14.88 8.43 13.12
N ASP A 538 14.96 7.15 12.76
CA ASP A 538 13.93 6.17 13.18
C ASP A 538 14.61 5.15 14.08
N LEU A 539 14.28 5.18 15.38
CA LEU A 539 14.81 4.26 16.35
C LEU A 539 13.71 3.33 16.85
N SER A 540 12.66 3.17 16.07
CA SER A 540 11.54 2.29 16.48
C SER A 540 12.00 0.86 16.79
N TYR A 541 11.32 0.21 17.74
CA TYR A 541 11.59 -1.19 18.07
C TYR A 541 13.02 -1.52 18.42
N ASN A 542 13.60 -0.70 19.30
CA ASN A 542 14.88 -0.95 19.98
C ASN A 542 14.64 -0.97 21.50
N SER A 543 13.65 -1.77 21.93
CA SER A 543 13.28 -1.84 23.34
C SER A 543 14.19 -2.65 24.20
N HIS A 544 15.09 -3.42 23.60
CA HIS A 544 15.84 -4.40 24.30
C HIS A 544 16.46 -3.94 25.63
N TYR A 545 17.17 -2.82 25.60
CA TYR A 545 17.82 -2.31 26.81
C TYR A 545 16.95 -1.34 27.57
N PHE A 546 16.13 -0.55 26.89
CA PHE A 546 15.22 0.35 27.58
C PHE A 546 14.34 -0.40 28.56
N ARG A 547 14.00 -1.64 28.25
CA ARG A 547 13.07 -2.36 29.13
C ARG A 547 13.71 -2.83 30.45
N ILE A 548 15.03 -2.76 30.56
CA ILE A 548 15.75 -3.16 31.76
C ILE A 548 16.05 -1.97 32.67
N ALA A 549 15.44 -1.96 33.86
CA ALA A 549 15.45 -0.76 34.71
C ALA A 549 16.88 -0.51 35.21
N GLY A 550 17.59 -1.59 35.48
CA GLY A 550 18.90 -1.54 36.12
C GLY A 550 20.10 -1.19 35.26
N VAL A 551 19.93 -1.13 33.93
CA VAL A 551 20.97 -0.60 33.06
C VAL A 551 20.72 0.87 32.80
N THR A 552 21.77 1.61 32.46
CA THR A 552 21.60 3.03 32.19
C THR A 552 21.10 3.25 30.77
N HIS A 553 20.47 4.39 30.57
CA HIS A 553 19.84 4.79 29.32
C HIS A 553 20.04 6.30 29.06
N HIS A 554 20.51 6.64 27.87
CA HIS A 554 20.82 8.04 27.56
C HIS A 554 20.26 8.51 26.23
N LEU A 555 19.35 9.47 26.28
CA LEU A 555 18.82 10.09 25.08
C LEU A 555 19.26 11.56 24.84
N GLU A 556 20.34 11.99 25.49
CA GLU A 556 20.85 13.37 25.45
C GLU A 556 21.34 13.81 24.04
N PHE A 557 21.86 12.89 23.24
CA PHE A 557 22.28 13.19 21.89
C PHE A 557 21.24 13.90 21.04
N ILE A 558 19.96 13.74 21.36
CA ILE A 558 18.92 14.35 20.53
C ILE A 558 19.10 15.87 20.34
N GLN A 559 19.57 16.55 21.38
CA GLN A 559 19.73 18.02 21.34
C GLN A 559 20.85 18.49 20.40
N ASN A 560 21.75 17.58 20.05
CA ASN A 560 22.93 17.93 19.25
C ASN A 560 22.70 18.21 17.80
N PHE A 561 21.50 17.92 17.28
CA PHE A 561 21.25 18.06 15.87
C PHE A 561 20.57 19.37 15.57
N THR A 562 21.10 20.13 14.60
CA THR A 562 20.56 21.44 14.27
C THR A 562 19.54 21.33 13.17
N ASN A 563 19.54 20.20 12.43
CA ASN A 563 18.57 20.01 11.34
C ASN A 563 17.55 18.87 11.61
N LEU A 564 17.48 18.33 12.81
CA LEU A 564 16.62 17.14 13.01
C LEU A 564 15.18 17.57 12.99
N LYS A 565 14.42 17.01 12.03
CA LYS A 565 12.98 17.26 11.89
C LYS A 565 12.06 16.18 12.49
N VAL A 566 12.38 14.92 12.25
CA VAL A 566 11.44 13.83 12.57
C VAL A 566 12.19 12.81 13.33
N LEU A 567 11.69 12.47 14.52
CA LEU A 567 12.25 11.41 15.30
C LEU A 567 11.17 10.43 15.75
N ASN A 568 11.45 9.16 15.53
CA ASN A 568 10.56 8.06 15.88
C ASN A 568 11.22 7.18 16.95
N LEU A 569 10.67 7.30 18.17
CA LEU A 569 11.08 6.51 19.31
C LEU A 569 10.00 5.45 19.62
N SER A 570 9.21 5.07 18.62
CA SER A 570 8.11 4.13 18.89
C SER A 570 8.52 2.73 19.32
N HIS A 571 7.70 2.16 20.19
CA HIS A 571 7.82 0.76 20.57
C HIS A 571 9.10 0.44 21.24
N ASN A 572 9.56 1.36 22.07
CA ASN A 572 10.82 1.21 22.77
C ASN A 572 10.63 0.89 24.24
N ASN A 573 9.38 0.87 24.70
CA ASN A 573 9.14 0.57 26.12
C ASN A 573 9.94 1.51 27.02
N ILE A 574 10.05 2.78 26.65
CA ILE A 574 10.78 3.75 27.43
C ILE A 574 10.01 4.04 28.71
N TYR A 575 10.65 3.84 29.85
CA TYR A 575 10.04 4.16 31.14
C TYR A 575 10.95 4.72 32.17
N THR A 576 12.26 4.72 31.90
CA THR A 576 13.26 5.25 32.82
C THR A 576 14.51 5.71 32.02
N LEU A 577 15.00 6.90 32.36
CA LEU A 577 16.23 7.43 31.79
C LEU A 577 17.20 7.77 32.91
N THR A 578 18.48 7.84 32.54
CA THR A 578 19.53 8.07 33.49
C THR A 578 19.99 9.56 33.46
N ASP A 579 20.00 10.23 34.63
CA ASP A 579 20.50 11.62 34.77
C ASP A 579 19.69 12.70 34.09
N LYS A 580 19.53 12.60 32.78
CA LYS A 580 18.73 13.57 32.07
C LYS A 580 17.37 13.01 31.71
N TYR A 581 16.32 13.66 32.20
CA TYR A 581 14.96 13.16 32.14
C TYR A 581 14.16 13.76 30.99
N ASN A 582 14.73 14.78 30.36
CA ASN A 582 14.05 15.54 29.34
C ASN A 582 14.64 15.36 27.91
N LEU A 583 13.76 15.40 26.93
CA LEU A 583 14.16 15.42 25.52
C LEU A 583 14.20 16.86 25.06
N GLU A 584 15.30 17.28 24.44
CA GLU A 584 15.47 18.68 23.99
C GLU A 584 15.99 18.74 22.55
N SER A 585 15.33 19.55 21.72
CA SER A 585 15.77 19.90 20.36
C SER A 585 15.17 21.27 19.99
N LYS A 586 15.98 22.15 19.39
CA LYS A 586 15.44 23.43 18.93
C LYS A 586 14.88 23.27 17.53
N SER A 587 15.24 22.19 16.81
CA SER A 587 14.68 21.92 15.45
C SER A 587 13.47 20.98 15.33
N LEU A 588 13.42 19.95 16.18
CA LEU A 588 12.43 18.86 15.99
C LEU A 588 11.02 19.35 15.80
N VAL A 589 10.43 18.89 14.70
CA VAL A 589 9.06 19.17 14.35
C VAL A 589 8.07 18.01 14.67
N GLU A 590 8.54 16.77 14.67
CA GLU A 590 7.64 15.59 14.83
C GLU A 590 8.28 14.57 15.74
N LEU A 591 7.62 14.19 16.83
CA LEU A 591 8.13 13.12 17.66
C LEU A 591 7.06 12.02 17.74
N VAL A 592 7.44 10.79 17.40
CA VAL A 592 6.56 9.64 17.57
C VAL A 592 7.04 8.94 18.82
N PHE A 593 6.20 8.94 19.87
CA PHE A 593 6.58 8.31 21.14
C PHE A 593 5.56 7.20 21.47
N SER A 594 4.91 6.69 20.46
CA SER A 594 3.98 5.61 20.67
C SER A 594 4.66 4.33 21.16
N GLY A 595 3.93 3.55 21.97
CA GLY A 595 4.37 2.25 22.40
C GLY A 595 5.47 2.38 23.41
N ASN A 596 5.39 3.44 24.25
CA ASN A 596 6.31 3.61 25.36
C ASN A 596 5.50 3.56 26.66
N ARG A 597 6.11 3.90 27.80
CA ARG A 597 5.41 3.85 29.12
C ARG A 597 5.26 5.21 29.83
N LEU A 598 4.57 6.13 29.17
CA LEU A 598 4.24 7.41 29.78
C LEU A 598 3.35 7.24 31.02
N ASP A 599 2.59 6.15 31.12
CA ASP A 599 1.90 5.85 32.37
C ASP A 599 2.90 5.73 33.51
N ILE A 600 4.08 5.16 33.27
CA ILE A 600 5.08 5.09 34.29
C ILE A 600 5.83 6.43 34.47
N LEU A 601 6.34 6.97 33.37
CA LEU A 601 7.05 8.26 33.41
C LEU A 601 6.23 9.34 34.09
N TRP A 602 4.98 9.50 33.72
CA TRP A 602 4.09 10.47 34.36
C TRP A 602 3.28 9.92 35.54
N ASN A 603 3.79 8.94 36.26
CA ASN A 603 3.09 8.41 37.43
C ASN A 603 2.91 9.54 38.42
N ASP A 604 1.74 9.60 39.05
CA ASP A 604 1.35 10.72 39.92
C ASP A 604 2.34 10.99 41.08
N ASP A 605 3.04 9.97 41.53
CA ASP A 605 4.04 10.12 42.59
C ASP A 605 5.46 10.51 42.13
N ASP A 606 5.63 10.80 40.84
CA ASP A 606 6.96 11.08 40.28
C ASP A 606 6.91 12.38 39.47
N ASN A 607 7.84 13.27 39.79
CA ASN A 607 7.87 14.58 39.18
C ASN A 607 8.98 14.70 38.15
N ARG A 608 9.76 13.66 37.98
CA ARG A 608 11.03 13.83 37.28
C ARG A 608 10.85 14.03 35.78
N TYR A 609 9.73 13.59 35.20
CA TYR A 609 9.51 13.56 33.74
C TYR A 609 8.39 14.47 33.33
N ILE A 610 8.00 15.30 34.28
CA ILE A 610 6.96 16.30 34.10
C ILE A 610 7.24 17.31 33.00
N SER A 611 8.51 17.49 32.62
CA SER A 611 8.86 18.32 31.48
C SER A 611 9.56 17.59 30.35
N ILE A 612 9.25 16.31 30.19
CA ILE A 612 9.98 15.45 29.24
C ILE A 612 10.02 16.00 27.80
N PHE A 613 8.93 16.61 27.32
CA PHE A 613 8.82 17.10 25.94
C PHE A 613 8.90 18.65 25.78
N LYS A 614 8.96 19.37 26.90
CA LYS A 614 8.86 20.84 26.89
C LYS A 614 10.02 21.44 26.13
N GLY A 615 11.21 20.86 26.27
CA GLY A 615 12.40 21.32 25.56
C GLY A 615 12.39 21.06 24.05
N LEU A 616 11.29 20.49 23.53
CA LEU A 616 11.16 20.34 22.09
C LEU A 616 10.48 21.59 21.57
N LYS A 617 11.26 22.67 21.46
CA LYS A 617 10.73 24.02 21.30
C LYS A 617 10.00 24.27 19.99
N ASN A 618 10.28 23.44 19.00
CA ASN A 618 9.77 23.65 17.65
C ASN A 618 8.66 22.65 17.26
N LEU A 619 8.18 21.85 18.20
CA LEU A 619 7.42 20.64 17.86
C LEU A 619 6.03 21.00 17.42
N THR A 620 5.62 20.46 16.27
CA THR A 620 4.24 20.62 15.82
C THR A 620 3.42 19.35 15.85
N ARG A 621 4.04 18.18 15.87
CA ARG A 621 3.24 16.94 15.84
C ARG A 621 3.76 15.99 16.88
N LEU A 622 2.90 15.49 17.76
CA LEU A 622 3.34 14.65 18.85
C LEU A 622 2.40 13.45 18.94
N ASP A 623 2.96 12.25 18.90
CA ASP A 623 2.19 11.01 18.95
C ASP A 623 2.50 10.26 20.26
N LEU A 624 1.49 10.25 21.16
CA LEU A 624 1.58 9.60 22.47
C LEU A 624 0.58 8.43 22.54
N SER A 625 0.24 7.88 21.39
CA SER A 625 -0.57 6.66 21.38
C SER A 625 0.13 5.50 22.06
N LEU A 626 -0.65 4.56 22.54
CA LEU A 626 -0.11 3.28 22.99
C LEU A 626 0.89 3.42 24.13
N ASN A 627 0.54 4.28 25.08
CA ASN A 627 1.37 4.47 26.24
C ASN A 627 0.68 4.11 27.57
N ARG A 628 -0.43 3.36 27.47
CA ARG A 628 -1.20 2.88 28.63
C ARG A 628 -1.72 3.95 29.59
N LEU A 629 -1.90 5.17 29.10
CA LEU A 629 -2.24 6.28 29.98
C LEU A 629 -3.69 6.22 30.48
N LYS A 630 -3.85 6.31 31.80
CA LYS A 630 -5.15 6.46 32.47
C LYS A 630 -5.56 7.93 32.65
N HIS A 631 -4.59 8.77 32.97
N HIS A 631 -4.57 8.78 32.95
CA HIS A 631 -4.83 10.19 33.11
CA HIS A 631 -4.78 10.18 33.36
C HIS A 631 -3.46 10.81 32.87
C HIS A 631 -3.44 10.88 33.07
N ILE A 632 -3.46 12.06 32.44
CA ILE A 632 -2.22 12.85 32.30
C ILE A 632 -2.30 13.94 33.36
N PRO A 633 -1.27 14.05 34.22
CA PRO A 633 -1.25 15.11 35.22
C PRO A 633 -1.32 16.46 34.55
N ASN A 634 -2.07 17.37 35.15
CA ASN A 634 -2.32 18.68 34.58
C ASN A 634 -1.02 19.37 34.22
N GLU A 635 -0.07 19.35 35.14
CA GLU A 635 1.19 20.04 34.95
C GLU A 635 2.03 19.42 33.81
N ALA A 636 1.84 18.12 33.57
CA ALA A 636 2.60 17.47 32.48
C ALA A 636 1.99 17.82 31.13
N PHE A 637 0.67 17.94 31.09
CA PHE A 637 -0.03 18.31 29.88
C PHE A 637 0.33 19.76 29.53
N LEU A 638 0.36 20.63 30.54
CA LEU A 638 0.68 22.02 30.31
C LEU A 638 2.12 22.19 29.90
N ASN A 639 2.97 21.22 30.21
CA ASN A 639 4.35 21.27 29.74
C ASN A 639 4.60 20.70 28.35
N LEU A 640 3.54 20.33 27.64
CA LEU A 640 3.70 19.94 26.26
C LEU A 640 4.06 21.21 25.49
N PRO A 641 4.89 21.10 24.43
CA PRO A 641 5.15 22.29 23.58
C PRO A 641 3.89 23.04 23.13
N ALA A 642 3.90 24.37 23.37
CA ALA A 642 2.81 25.26 23.00
C ALA A 642 2.75 25.47 21.50
N SER A 643 3.82 25.13 20.80
CA SER A 643 3.79 25.12 19.34
C SER A 643 3.04 23.97 18.65
N LEU A 644 2.46 23.03 19.40
CA LEU A 644 1.81 21.87 18.76
C LEU A 644 0.67 22.26 17.90
N THR A 645 0.64 21.72 16.69
CA THR A 645 -0.58 21.79 15.88
C THR A 645 -1.33 20.46 15.81
N GLU A 646 -0.70 19.37 16.26
CA GLU A 646 -1.26 18.01 16.09
C GLU A 646 -0.82 17.06 17.21
N LEU A 647 -1.80 16.62 17.97
CA LEU A 647 -1.59 15.85 19.17
C LEU A 647 -2.48 14.59 19.16
N HIS A 648 -1.83 13.45 19.28
CA HIS A 648 -2.46 12.13 19.23
C HIS A 648 -2.23 11.51 20.56
N ILE A 649 -3.30 11.10 21.22
CA ILE A 649 -3.19 10.39 22.47
C ILE A 649 -4.13 9.18 22.38
N ASN A 650 -4.31 8.69 21.18
CA ASN A 650 -5.27 7.64 20.89
C ASN A 650 -4.76 6.27 21.41
N ASP A 651 -5.68 5.33 21.62
CA ASP A 651 -5.38 3.97 22.09
C ASP A 651 -4.56 3.94 23.36
N ASN A 652 -5.02 4.68 24.33
CA ASN A 652 -4.59 4.57 25.69
C ASN A 652 -5.80 4.09 26.51
N MET A 653 -5.86 4.42 27.78
CA MET A 653 -7.03 4.09 28.60
C MET A 653 -7.56 5.33 29.36
N LEU A 654 -7.59 6.46 28.68
CA LEU A 654 -7.90 7.70 29.36
C LEU A 654 -9.32 7.71 29.90
N LYS A 655 -9.46 7.87 31.20
CA LYS A 655 -10.77 8.07 31.82
C LYS A 655 -11.01 9.56 32.02
N PHE A 656 -9.98 10.39 31.80
CA PHE A 656 -10.03 11.80 32.17
C PHE A 656 -9.31 12.62 31.11
N PHE A 657 -9.92 13.72 30.67
CA PHE A 657 -9.20 14.70 29.87
C PHE A 657 -9.53 16.13 30.36
N ASN A 658 -8.51 16.89 30.74
CA ASN A 658 -8.74 18.28 31.15
C ASN A 658 -8.80 19.26 29.97
N TRP A 659 -10.02 19.46 29.49
CA TRP A 659 -10.26 20.29 28.31
C TRP A 659 -9.83 21.74 28.52
N THR A 660 -9.80 22.16 29.78
CA THR A 660 -9.41 23.52 30.10
C THR A 660 -7.98 23.80 29.63
N LEU A 661 -7.14 22.77 29.62
CA LEU A 661 -5.72 23.00 29.32
C LEU A 661 -5.47 23.31 27.84
N LEU A 662 -6.49 23.14 27.01
CA LEU A 662 -6.38 23.46 25.60
C LEU A 662 -6.14 24.95 25.36
N GLN A 663 -6.49 25.77 26.35
CA GLN A 663 -6.11 27.18 26.38
C GLN A 663 -4.63 27.47 26.22
N GLN A 664 -3.76 26.61 26.68
CA GLN A 664 -2.35 26.87 26.48
C GLN A 664 -1.82 26.38 25.10
N PHE A 665 -2.72 26.03 24.17
CA PHE A 665 -2.32 25.52 22.84
C PHE A 665 -3.09 26.24 21.76
N PRO A 666 -2.69 27.49 21.51
CA PRO A 666 -3.37 28.33 20.54
C PRO A 666 -3.06 27.92 19.08
N ARG A 667 -2.08 27.08 18.82
CA ARG A 667 -1.92 26.57 17.44
C ARG A 667 -2.50 25.18 17.20
N LEU A 668 -3.16 24.58 18.21
CA LEU A 668 -3.62 23.20 18.11
C LEU A 668 -4.77 23.03 17.13
N GLU A 669 -4.59 22.23 16.09
CA GLU A 669 -5.66 22.04 15.10
C GLU A 669 -6.31 20.65 15.11
N LEU A 670 -5.52 19.63 15.40
CA LEU A 670 -6.02 18.25 15.37
C LEU A 670 -5.77 17.66 16.73
N LEU A 671 -6.85 17.23 17.38
CA LEU A 671 -6.74 16.50 18.66
C LEU A 671 -7.35 15.09 18.56
N ASP A 672 -6.51 14.06 18.76
CA ASP A 672 -6.91 12.67 18.49
C ASP A 672 -6.92 11.94 19.82
N LEU A 673 -8.12 11.61 20.30
CA LEU A 673 -8.30 10.89 21.54
C LEU A 673 -9.10 9.57 21.33
N ARG A 674 -9.09 9.04 20.11
CA ARG A 674 -9.76 7.80 19.76
C ARG A 674 -9.20 6.69 20.61
N GLY A 675 -10.07 5.75 20.97
CA GLY A 675 -9.66 4.52 21.62
C GLY A 675 -9.35 4.70 23.08
N ASN A 676 -10.16 5.48 23.78
CA ASN A 676 -9.96 5.64 25.22
C ASN A 676 -11.23 5.26 25.97
N LYS A 677 -11.38 5.72 27.19
CA LYS A 677 -12.55 5.40 28.03
C LYS A 677 -13.16 6.72 28.54
N LEU A 678 -13.06 7.77 27.72
CA LEU A 678 -13.56 9.08 28.11
C LEU A 678 -15.07 9.08 28.19
N LEU A 679 -15.58 9.78 29.21
CA LEU A 679 -17.01 9.88 29.50
C LEU A 679 -17.49 11.33 29.32
N PHE A 680 -16.62 12.30 29.55
CA PHE A 680 -17.04 13.67 29.80
C PHE A 680 -16.51 14.61 28.73
N LEU A 681 -17.45 15.23 28.02
CA LEU A 681 -17.16 16.34 27.14
C LEU A 681 -17.47 17.65 27.86
N THR A 682 -16.54 18.60 27.84
CA THR A 682 -16.78 19.95 28.37
C THR A 682 -17.95 20.63 27.64
N ASP A 683 -18.66 21.50 28.34
CA ASP A 683 -19.76 22.27 27.74
C ASP A 683 -19.32 23.63 27.19
N SER A 684 -18.04 23.97 27.40
CA SER A 684 -17.51 25.30 27.13
C SER A 684 -16.23 25.25 26.30
N LEU A 685 -16.21 24.42 25.26
CA LEU A 685 -14.97 24.20 24.49
C LEU A 685 -14.48 25.48 23.79
N SER A 686 -15.41 26.33 23.36
CA SER A 686 -15.07 27.59 22.65
C SER A 686 -14.25 28.51 23.53
N ASP A 687 -14.40 28.38 24.84
CA ASP A 687 -13.57 29.18 25.77
C ASP A 687 -12.15 28.67 25.86
N PHE A 688 -11.90 27.45 25.40
CA PHE A 688 -10.66 26.79 25.68
C PHE A 688 -9.81 26.67 24.42
N THR A 689 -10.43 26.82 23.25
CA THR A 689 -9.69 26.84 21.97
C THR A 689 -10.45 27.63 20.88
N SER A 690 -9.72 28.35 20.03
CA SER A 690 -10.33 28.82 18.77
C SER A 690 -9.58 28.32 17.52
N SER A 691 -8.61 27.42 17.73
CA SER A 691 -7.81 26.81 16.65
C SER A 691 -8.25 25.40 16.21
N LEU A 692 -8.82 24.64 17.12
CA LEU A 692 -9.07 23.22 16.91
C LEU A 692 -9.98 23.01 15.74
N ARG A 693 -9.55 22.22 14.75
CA ARG A 693 -10.34 22.00 13.55
C ARG A 693 -10.89 20.58 13.44
N THR A 694 -10.15 19.62 14.01
CA THR A 694 -10.54 18.22 13.91
C THR A 694 -10.43 17.65 15.31
N LEU A 695 -11.54 17.13 15.82
CA LEU A 695 -11.56 16.44 17.11
C LEU A 695 -12.04 15.02 16.98
N LEU A 696 -11.16 14.06 17.29
CA LEU A 696 -11.45 12.65 17.07
C LEU A 696 -11.66 11.93 18.38
N LEU A 697 -12.88 11.43 18.56
CA LEU A 697 -13.29 10.85 19.84
C LEU A 697 -13.95 9.50 19.64
N SER A 698 -13.72 8.82 18.53
CA SER A 698 -14.33 7.52 18.37
C SER A 698 -13.77 6.53 19.34
N HIS A 699 -14.60 5.56 19.66
CA HIS A 699 -14.22 4.46 20.55
C HIS A 699 -13.99 4.99 21.95
N ASN A 700 -14.95 5.78 22.44
CA ASN A 700 -14.94 6.18 23.83
C ASN A 700 -16.29 5.84 24.43
N ARG A 701 -16.63 6.41 25.59
CA ARG A 701 -17.81 6.04 26.32
C ARG A 701 -18.68 7.28 26.57
N ILE A 702 -18.67 8.20 25.63
CA ILE A 702 -19.45 9.39 25.74
C ILE A 702 -20.92 9.03 25.53
N SER A 703 -21.77 9.33 26.52
CA SER A 703 -23.21 9.09 26.42
C SER A 703 -24.01 10.39 26.45
N HIS A 704 -23.33 11.52 26.62
CA HIS A 704 -23.98 12.81 26.73
C HIS A 704 -23.20 13.90 25.97
N LEU A 705 -23.84 14.52 24.99
CA LEU A 705 -23.37 15.80 24.44
C LEU A 705 -24.01 16.99 25.20
N PRO A 706 -23.21 17.90 25.76
CA PRO A 706 -23.75 19.02 26.56
C PRO A 706 -24.53 20.05 25.73
N SER A 707 -25.46 20.77 26.36
CA SER A 707 -26.22 21.82 25.67
C SER A 707 -25.31 22.82 24.99
N GLY A 708 -25.56 23.03 23.71
CA GLY A 708 -24.78 23.93 22.88
C GLY A 708 -23.34 23.51 22.83
N PHE A 709 -23.11 22.21 22.65
CA PHE A 709 -21.76 21.71 22.52
C PHE A 709 -21.27 22.05 21.14
N LEU A 710 -21.67 21.25 20.16
CA LEU A 710 -21.20 21.43 18.78
C LEU A 710 -21.80 22.73 18.30
N SER A 711 -21.17 23.34 17.32
CA SER A 711 -21.28 24.77 17.10
C SER A 711 -20.84 25.45 18.42
N GLU A 712 -19.87 24.84 19.09
CA GLU A 712 -19.15 25.49 20.17
C GLU A 712 -18.08 26.37 19.52
N VAL A 713 -17.19 25.71 18.78
CA VAL A 713 -16.03 26.36 18.20
C VAL A 713 -16.29 26.61 16.71
N SER A 714 -16.23 27.88 16.34
CA SER A 714 -16.18 28.29 14.94
C SER A 714 -15.17 27.41 14.15
N SER A 715 -13.96 27.25 14.67
CA SER A 715 -12.94 26.55 13.91
C SER A 715 -13.21 25.04 13.68
N LEU A 716 -14.18 24.40 14.35
CA LEU A 716 -14.31 22.93 14.26
C LEU A 716 -14.97 22.42 12.97
N LYS A 717 -14.19 21.76 12.11
CA LYS A 717 -14.74 21.26 10.85
C LYS A 717 -15.14 19.78 10.95
N HIS A 718 -14.37 19.00 11.71
CA HIS A 718 -14.53 17.53 11.70
C HIS A 718 -14.59 17.03 13.15
N LEU A 719 -15.75 16.48 13.52
CA LEU A 719 -15.97 15.90 14.84
C LEU A 719 -16.30 14.45 14.68
N ASP A 720 -15.54 13.60 15.34
CA ASP A 720 -15.75 12.16 15.15
C ASP A 720 -16.19 11.60 16.48
N LEU A 721 -17.45 11.19 16.51
CA LEU A 721 -18.11 10.69 17.71
C LEU A 721 -18.65 9.27 17.47
N SER A 722 -18.08 8.58 16.49
CA SER A 722 -18.48 7.22 16.19
C SER A 722 -18.07 6.29 17.31
N SER A 723 -18.83 5.22 17.45
CA SER A 723 -18.54 4.19 18.45
C SER A 723 -18.36 4.76 19.85
N ASN A 724 -19.36 5.53 20.25
CA ASN A 724 -19.49 5.93 21.62
C ASN A 724 -20.80 5.36 22.16
N LEU A 725 -21.30 5.91 23.27
CA LEU A 725 -22.51 5.38 23.89
C LEU A 725 -23.65 6.40 23.83
N LEU A 726 -23.82 7.03 22.68
CA LEU A 726 -24.89 8.03 22.50
C LEU A 726 -26.18 7.29 22.27
N LYS A 727 -27.18 7.62 23.08
CA LYS A 727 -28.55 7.10 22.96
C LYS A 727 -29.36 8.12 22.18
N THR A 728 -28.98 9.38 22.31
CA THR A 728 -29.70 10.42 21.64
C THR A 728 -28.82 11.64 21.51
N ILE A 729 -29.21 12.51 20.60
CA ILE A 729 -28.66 13.86 20.56
C ILE A 729 -29.81 14.85 20.70
N ASN A 730 -29.70 15.69 21.72
CA ASN A 730 -30.75 16.62 22.11
C ASN A 730 -30.81 17.87 21.27
N LYS A 731 -32.03 18.42 21.18
CA LYS A 731 -32.24 19.81 20.80
C LYS A 731 -31.02 20.71 21.13
N SER A 732 -30.64 20.77 22.41
CA SER A 732 -29.74 21.83 22.86
C SER A 732 -28.29 21.59 22.46
N ALA A 733 -27.93 20.34 22.21
CA ALA A 733 -26.54 20.00 21.89
C ALA A 733 -26.07 20.63 20.58
N LEU A 734 -27.02 20.91 19.71
CA LEU A 734 -26.74 21.51 18.41
C LEU A 734 -27.42 22.90 18.32
N GLU A 735 -27.93 23.40 19.44
CA GLU A 735 -28.72 24.63 19.45
C GLU A 735 -27.86 25.88 19.26
N THR A 736 -26.53 25.74 19.28
CA THR A 736 -25.64 26.89 19.14
C THR A 736 -25.76 27.49 17.73
N LYS A 737 -26.21 28.74 17.64
CA LYS A 737 -26.25 29.43 16.35
C LYS A 737 -25.93 30.93 16.48
N THR A 738 -25.24 31.49 15.50
CA THR A 738 -24.80 30.78 14.28
C THR A 738 -23.25 30.72 14.33
N THR A 739 -22.57 29.95 13.47
CA THR A 739 -23.12 29.10 12.39
C THR A 739 -22.71 27.62 12.57
N THR A 740 -21.39 27.38 12.67
CA THR A 740 -20.68 26.08 12.48
C THR A 740 -19.78 26.21 11.27
N LYS A 741 -18.48 25.98 11.43
CA LYS A 741 -17.69 25.54 10.29
C LYS A 741 -17.72 24.02 10.10
N LEU A 742 -18.55 23.35 10.90
CA LEU A 742 -18.68 21.91 10.90
C LEU A 742 -19.09 21.36 9.54
N SER A 743 -18.24 20.52 8.96
CA SER A 743 -18.56 19.88 7.70
C SER A 743 -18.58 18.35 7.79
N MET A 744 -17.97 17.78 8.84
CA MET A 744 -18.12 16.34 9.09
C MET A 744 -18.40 15.97 10.53
N LEU A 745 -19.40 15.12 10.68
CA LEU A 745 -19.84 14.60 11.95
C LEU A 745 -20.03 13.10 11.82
N GLU A 746 -19.15 12.34 12.44
CA GLU A 746 -19.29 10.88 12.36
C GLU A 746 -19.99 10.36 13.59
N LEU A 747 -21.02 9.53 13.34
CA LEU A 747 -21.90 9.01 14.37
C LEU A 747 -22.18 7.50 14.33
N HIS A 748 -21.63 6.78 13.36
CA HIS A 748 -21.95 5.38 13.26
C HIS A 748 -21.42 4.67 14.50
N GLY A 749 -22.16 3.64 14.89
CA GLY A 749 -21.71 2.74 15.92
C GLY A 749 -22.20 3.20 17.27
N ASN A 750 -23.10 4.20 17.32
CA ASN A 750 -23.74 4.59 18.59
C ASN A 750 -25.09 3.87 18.78
N PRO A 751 -25.41 3.53 20.05
CA PRO A 751 -26.59 2.72 20.31
C PRO A 751 -27.86 3.59 20.41
N PHE A 752 -28.26 4.15 19.28
CA PHE A 752 -29.28 5.15 19.33
C PHE A 752 -30.65 4.58 19.72
N GLU A 753 -31.35 5.33 20.56
CA GLU A 753 -32.72 5.02 20.95
C GLU A 753 -33.69 5.63 19.96
N CYS A 754 -34.28 4.81 19.10
CA CYS A 754 -35.16 5.34 18.05
C CYS A 754 -36.64 5.42 18.44
N THR A 755 -36.92 6.39 19.31
CA THR A 755 -38.27 6.81 19.65
C THR A 755 -38.45 8.20 19.04
N CYS A 756 -39.55 8.87 19.41
CA CYS A 756 -39.79 10.25 18.93
C CYS A 756 -38.68 11.17 19.42
N ASP A 757 -38.04 10.84 20.54
CA ASP A 757 -36.86 11.59 21.00
C ASP A 757 -35.72 11.73 19.97
N ILE A 758 -35.75 10.94 18.90
CA ILE A 758 -34.77 11.12 17.80
C ILE A 758 -35.18 12.17 16.76
N GLY A 759 -36.38 12.72 16.90
CA GLY A 759 -36.94 13.65 15.91
C GLY A 759 -36.13 14.92 15.72
N ASP A 760 -35.64 15.48 16.82
CA ASP A 760 -34.92 16.75 16.79
C ASP A 760 -33.60 16.61 16.05
N PHE A 761 -32.93 15.48 16.22
CA PHE A 761 -31.74 15.25 15.47
C PHE A 761 -32.08 14.96 14.01
N ARG A 762 -33.04 14.09 13.77
CA ARG A 762 -33.46 13.89 12.38
C ARG A 762 -33.79 15.23 11.73
N ARG A 763 -34.46 16.10 12.47
CA ARG A 763 -34.82 17.40 11.92
C ARG A 763 -33.58 18.20 11.66
N TRP A 764 -32.68 18.22 12.63
CA TRP A 764 -31.40 18.87 12.45
C TRP A 764 -30.69 18.40 11.17
N MET A 765 -30.66 17.09 10.94
CA MET A 765 -29.97 16.56 9.76
C MET A 765 -30.53 17.16 8.47
N ASP A 766 -31.85 17.20 8.33
CA ASP A 766 -32.47 17.79 7.13
C ASP A 766 -32.06 19.26 6.90
N GLU A 767 -31.80 19.97 7.98
CA GLU A 767 -31.54 21.41 7.90
C GLU A 767 -30.06 21.74 7.75
N HIS A 768 -29.21 20.72 7.80
CA HIS A 768 -27.78 20.95 7.74
C HIS A 768 -27.12 19.98 6.81
N LEU A 769 -27.65 19.97 5.58
CA LEU A 769 -27.24 19.01 4.54
C LEU A 769 -25.79 19.21 4.19
N ASN A 770 -25.27 20.40 4.46
CA ASN A 770 -23.84 20.70 4.37
C ASN A 770 -22.92 19.92 5.33
N VAL A 771 -23.46 19.38 6.40
CA VAL A 771 -22.65 18.66 7.36
C VAL A 771 -22.80 17.21 6.97
N LYS A 772 -21.74 16.64 6.39
CA LYS A 772 -21.78 15.26 5.93
C LYS A 772 -21.74 14.32 7.14
N ILE A 773 -22.68 13.39 7.22
CA ILE A 773 -22.64 12.25 8.12
C ILE A 773 -22.35 10.96 7.34
N PRO A 774 -21.13 10.44 7.43
CA PRO A 774 -20.85 9.25 6.63
C PRO A 774 -21.58 8.00 7.10
N ARG A 775 -21.66 7.05 6.18
CA ARG A 775 -22.23 5.75 6.42
C ARG A 775 -23.44 5.80 7.31
N LEU A 776 -24.52 6.34 6.77
CA LEU A 776 -25.80 6.33 7.46
C LEU A 776 -26.34 4.92 7.64
N VAL A 777 -25.96 4.01 6.75
CA VAL A 777 -26.41 2.62 6.93
C VAL A 777 -25.97 2.09 8.29
N ASP A 778 -24.86 2.61 8.83
CA ASP A 778 -24.27 2.09 10.08
C ASP A 778 -24.55 2.99 11.29
N VAL A 779 -25.35 4.03 11.08
CA VAL A 779 -25.91 4.85 12.16
C VAL A 779 -27.27 4.27 12.53
N ILE A 780 -27.26 3.38 13.50
CA ILE A 780 -28.26 2.32 13.62
C ILE A 780 -29.00 2.40 14.95
N CYS A 781 -30.28 2.04 14.95
CA CYS A 781 -31.08 2.06 16.16
C CYS A 781 -30.74 0.83 16.98
N ALA A 782 -30.43 1.00 18.26
CA ALA A 782 -30.19 -0.13 19.15
C ALA A 782 -31.49 -0.53 19.83
N SER A 783 -32.36 0.43 20.08
CA SER A 783 -33.73 0.17 20.58
C SER A 783 -34.71 1.16 19.91
N PRO A 784 -36.03 0.99 20.05
CA PRO A 784 -36.65 -0.19 20.66
C PRO A 784 -36.64 -1.37 19.70
N GLY A 785 -37.15 -2.50 20.19
CA GLY A 785 -37.12 -3.78 19.48
C GLY A 785 -37.45 -3.79 18.01
N ASP A 786 -38.50 -3.07 17.61
CA ASP A 786 -38.89 -3.10 16.20
C ASP A 786 -38.03 -2.21 15.29
N GLN A 787 -37.22 -1.33 15.89
CA GLN A 787 -36.28 -0.48 15.13
C GLN A 787 -34.86 -1.05 15.08
N ARG A 788 -34.50 -1.85 16.09
CA ARG A 788 -33.19 -2.49 16.19
C ARG A 788 -32.66 -2.92 14.81
N GLY A 789 -31.52 -2.35 14.41
CA GLY A 789 -30.88 -2.73 13.15
C GLY A 789 -31.13 -1.77 12.00
N LYS A 790 -32.14 -0.92 12.13
CA LYS A 790 -32.47 0.04 11.07
C LYS A 790 -31.58 1.26 11.20
N SER A 791 -31.30 1.92 10.09
CA SER A 791 -30.73 3.27 10.12
C SER A 791 -31.65 4.22 10.90
N ILE A 792 -31.06 5.23 11.54
CA ILE A 792 -31.88 6.22 12.24
C ILE A 792 -32.65 7.04 11.21
N VAL A 793 -32.12 7.06 10.00
CA VAL A 793 -32.69 7.77 8.89
C VAL A 793 -33.92 7.04 8.32
N SER A 794 -34.08 5.77 8.65
CA SER A 794 -35.23 4.98 8.19
C SER A 794 -36.24 4.77 9.31
N LEU A 795 -37.11 5.76 9.51
CA LEU A 795 -38.14 5.74 10.56
C LEU A 795 -39.14 6.90 10.41
N GLU A 796 -40.43 6.59 10.58
CA GLU A 796 -41.52 7.58 10.62
C GLU A 796 -41.38 8.51 11.83
#